data_5T9U
#
_entry.id   5T9U
#
_cell.length_a   137.973
_cell.length_b   137.973
_cell.length_c   125.786
_cell.angle_alpha   90.000
_cell.angle_beta   90.000
_cell.angle_gamma   120.000
#
_symmetry.space_group_name_H-M   'P 32 2 1'
#
loop_
_entity.id
_entity.type
_entity.pdbx_description
1 polymer 'Peptidyl-prolyl cis-trans isomerase A'
2 non-polymer 3-[(3-hydroxyphenyl)methyl]-10,12-dimethoxy-9,11-dimethyl-6-(propan-2-yl)-19-oxa-1,4,7,25-tetraazabicyclo[19.3.1]pentacosa-13,15-diene-2,5,8,20-tetrone
3 water water
#
_entity_poly.entity_id   1
_entity_poly.type   'polypeptide(L)'
_entity_poly.pdbx_seq_one_letter_code
;MVNPTVFFDIAVDGEPLGRVSFELFADKVPKTAENFRALSTGEKGFGYKGSCFHRIIPGFMCQGGDFTRHNGTGGKSIYG
EKFEDENFILKHTGPGILSMANAGPNTNGSQFFICTAKTEWLDGKHVVFGKVKEGMNIVEAMERFGSRNGKTSKKITIAD
CGQL
;
_entity_poly.pdbx_strand_id   A,B,C,D
#
loop_
_chem_comp.id
_chem_comp.type
_chem_comp.name
_chem_comp.formula
7HG peptide-like 3-[(3-hydroxyphenyl)methyl]-10,12-dimethoxy-9,11-dimethyl-6-(propan-2-yl)-19-oxa-1,4,7,25-tetraazabicyclo[19.3.1]pentacosa-13,15-diene-2,5,8,20-tetrone 'C34 H50 N4 O8'
#
# COMPACT_ATOMS: atom_id res chain seq x y z
N VAL A 2 6.75 -18.95 -19.77
CA VAL A 2 7.66 -18.37 -18.78
C VAL A 2 6.88 -18.04 -17.48
N ASN A 3 5.58 -17.75 -17.56
CA ASN A 3 4.76 -17.71 -16.33
C ASN A 3 4.80 -19.07 -15.66
N PRO A 4 5.13 -19.11 -14.36
CA PRO A 4 5.26 -20.40 -13.68
C PRO A 4 3.91 -21.10 -13.48
N THR A 5 3.99 -22.43 -13.31
CA THR A 5 2.81 -23.26 -13.07
C THR A 5 3.02 -24.03 -11.78
N VAL A 6 2.04 -24.01 -10.89
CA VAL A 6 2.13 -24.83 -9.66
C VAL A 6 0.95 -25.79 -9.59
N PHE A 7 1.08 -26.84 -8.80
CA PHE A 7 0.01 -27.80 -8.68
C PHE A 7 -0.32 -27.97 -7.20
N PHE A 8 -1.60 -28.20 -6.91
CA PHE A 8 -2.05 -28.72 -5.61
C PHE A 8 -2.60 -30.13 -5.84
N ASP A 9 -2.19 -31.11 -5.05
CA ASP A 9 -2.91 -32.38 -5.00
C ASP A 9 -3.89 -32.31 -3.84
N ILE A 10 -5.17 -32.30 -4.17
CA ILE A 10 -6.24 -32.16 -3.17
C ILE A 10 -6.66 -33.53 -2.62
N ALA A 11 -6.73 -33.65 -1.29
CA ALA A 11 -7.32 -34.84 -0.66
C ALA A 11 -8.55 -34.46 0.16
N VAL A 12 -9.45 -35.43 0.32
CA VAL A 12 -10.68 -35.28 1.11
C VAL A 12 -10.66 -36.30 2.23
N ASP A 13 -10.50 -35.84 3.47
CA ASP A 13 -10.26 -36.73 4.60
C ASP A 13 -9.16 -37.75 4.30
N GLY A 14 -8.10 -37.32 3.61
CA GLY A 14 -6.98 -38.21 3.32
C GLY A 14 -7.07 -38.92 1.98
N GLU A 15 -8.27 -39.00 1.42
CA GLU A 15 -8.47 -39.68 0.15
C GLU A 15 -8.21 -38.75 -1.02
N PRO A 16 -7.25 -39.10 -1.88
CA PRO A 16 -6.92 -38.33 -3.09
C PRO A 16 -8.16 -37.99 -3.87
N LEU A 17 -8.30 -36.73 -4.25
CA LEU A 17 -9.44 -36.32 -5.07
C LEU A 17 -8.95 -36.02 -6.47
N GLY A 18 -7.87 -35.23 -6.56
CA GLY A 18 -7.37 -34.83 -7.85
C GLY A 18 -6.32 -33.74 -7.75
N ARG A 19 -5.84 -33.30 -8.88
CA ARG A 19 -4.85 -32.24 -8.91
C ARG A 19 -5.46 -30.97 -9.50
N VAL A 20 -5.13 -29.83 -8.91
CA VAL A 20 -5.44 -28.55 -9.52
C VAL A 20 -4.12 -27.86 -9.84
N SER A 21 -4.00 -27.35 -11.06
CA SER A 21 -2.80 -26.63 -11.41
C SER A 21 -3.16 -25.18 -11.73
N PHE A 22 -2.23 -24.28 -11.46
CA PHE A 22 -2.43 -22.84 -11.66
C PHE A 22 -1.34 -22.23 -12.52
N GLU A 23 -1.72 -21.33 -13.42
CA GLU A 23 -0.76 -20.38 -14.00
C GLU A 23 -0.63 -19.18 -13.06
N LEU A 24 0.60 -18.75 -12.77
CA LEU A 24 0.79 -17.57 -11.93
C LEU A 24 1.24 -16.44 -12.81
N PHE A 25 0.55 -15.31 -12.69
CA PHE A 25 0.78 -14.20 -13.62
C PHE A 25 1.99 -13.39 -13.20
N ALA A 26 3.17 -14.01 -13.32
CA ALA A 26 4.41 -13.37 -12.91
C ALA A 26 4.71 -12.15 -13.78
N ASP A 27 4.22 -12.18 -15.01
CA ASP A 27 4.44 -11.06 -15.91
C ASP A 27 3.72 -9.81 -15.44
N LYS A 28 2.62 -9.98 -14.69
CA LYS A 28 1.80 -8.82 -14.26
C LYS A 28 1.89 -8.49 -12.75
N VAL A 29 2.05 -9.53 -11.92
CA VAL A 29 2.26 -9.34 -10.47
C VAL A 29 3.42 -10.22 -9.97
N PRO A 30 4.65 -9.85 -10.34
CA PRO A 30 5.78 -10.75 -10.11
C PRO A 30 5.99 -11.05 -8.63
N LYS A 31 5.84 -10.05 -7.78
CA LYS A 31 6.10 -10.28 -6.36
C LYS A 31 5.04 -11.19 -5.73
N THR A 32 3.79 -11.00 -6.11
CA THR A 32 2.69 -11.78 -5.54
C THR A 32 2.74 -13.22 -6.07
N ALA A 33 3.10 -13.35 -7.34
CA ALA A 33 3.25 -14.66 -7.97
C ALA A 33 4.39 -15.45 -7.31
N GLU A 34 5.49 -14.75 -7.03
CA GLU A 34 6.67 -15.38 -6.46
C GLU A 34 6.36 -15.89 -5.06
N ASN A 35 5.62 -15.11 -4.30
CA ASN A 35 5.24 -15.54 -2.96
C ASN A 35 4.49 -16.86 -3.03
N PHE A 36 3.48 -16.93 -3.89
CA PHE A 36 2.65 -18.12 -3.99
C PHE A 36 3.48 -19.30 -4.56
N ARG A 37 4.33 -19.01 -5.55
CA ARG A 37 5.19 -20.04 -6.12
C ARG A 37 6.07 -20.70 -5.05
N ALA A 38 6.77 -19.85 -4.28
CA ALA A 38 7.75 -20.34 -3.31
C ALA A 38 7.06 -21.06 -2.16
N LEU A 39 5.88 -20.60 -1.76
CA LEU A 39 5.11 -21.29 -0.71
C LEU A 39 4.63 -22.68 -1.18
N SER A 40 4.51 -22.84 -2.48
CA SER A 40 4.06 -24.09 -3.06
C SER A 40 5.15 -25.17 -3.17
N THR A 41 6.42 -24.76 -3.20
CA THR A 41 7.51 -25.71 -3.33
C THR A 41 8.11 -26.08 -1.98
N GLY A 42 7.91 -25.24 -0.99
CA GLY A 42 8.49 -25.43 0.33
C GLY A 42 9.92 -24.92 0.41
N GLU A 43 10.37 -24.18 -0.60
CA GLU A 43 11.80 -23.82 -0.68
C GLU A 43 12.21 -22.74 0.32
N LYS A 44 11.24 -22.19 1.06
CA LYS A 44 11.54 -21.18 2.08
C LYS A 44 11.44 -21.80 3.46
N GLY A 45 11.17 -23.10 3.53
CA GLY A 45 11.12 -23.79 4.82
C GLY A 45 9.77 -23.76 5.53
N PHE A 46 8.74 -23.35 4.81
CA PHE A 46 7.34 -23.40 5.28
C PHE A 46 6.49 -23.25 4.04
N GLY A 47 5.20 -23.58 4.12
CA GLY A 47 4.38 -23.43 2.94
C GLY A 47 3.09 -24.19 3.00
N TYR A 48 2.45 -24.30 1.85
CA TYR A 48 1.07 -24.77 1.76
C TYR A 48 0.85 -26.26 2.04
N LYS A 49 1.88 -27.08 1.78
CA LYS A 49 1.72 -28.53 1.89
C LYS A 49 1.21 -28.94 3.26
N GLY A 50 0.11 -29.70 3.28
CA GLY A 50 -0.45 -30.19 4.52
C GLY A 50 -1.59 -29.32 5.06
N SER A 51 -1.71 -28.10 4.54
CA SER A 51 -2.70 -27.16 5.07
C SER A 51 -4.05 -27.45 4.44
N CYS A 52 -5.11 -26.89 5.00
CA CYS A 52 -6.44 -27.19 4.48
C CYS A 52 -7.06 -25.96 3.85
N PHE A 53 -8.15 -26.16 3.09
CA PHE A 53 -9.08 -25.10 2.70
C PHE A 53 -10.09 -24.93 3.84
N HIS A 54 -9.95 -23.85 4.60
CA HIS A 54 -10.76 -23.68 5.81
C HIS A 54 -12.14 -23.10 5.53
N ARG A 55 -12.32 -22.44 4.38
CA ARG A 55 -13.61 -21.83 4.09
C ARG A 55 -13.97 -22.01 2.63
N ILE A 56 -15.08 -22.72 2.40
CA ILE A 56 -15.55 -23.01 1.05
C ILE A 56 -17.02 -22.62 0.92
N ILE A 57 -17.30 -21.67 0.04
CA ILE A 57 -18.65 -21.21 -0.14
C ILE A 57 -19.10 -21.48 -1.57
N PRO A 58 -19.93 -22.53 -1.75
CA PRO A 58 -20.34 -22.93 -3.10
C PRO A 58 -20.91 -21.76 -3.86
N GLY A 59 -20.45 -21.57 -5.09
CA GLY A 59 -20.88 -20.46 -5.92
C GLY A 59 -20.06 -19.20 -5.71
N PHE A 60 -19.24 -19.18 -4.68
CA PHE A 60 -18.47 -17.98 -4.38
C PHE A 60 -16.98 -18.27 -4.51
N MET A 61 -16.42 -19.01 -3.56
CA MET A 61 -14.99 -19.25 -3.56
C MET A 61 -14.58 -20.36 -2.60
N CYS A 62 -13.33 -20.77 -2.75
CA CYS A 62 -12.64 -21.68 -1.85
C CYS A 62 -11.40 -20.98 -1.30
N GLN A 63 -11.28 -20.94 0.02
CA GLN A 63 -10.19 -20.22 0.63
C GLN A 63 -9.31 -21.14 1.46
N GLY A 64 -7.99 -20.99 1.31
CA GLY A 64 -7.06 -21.66 2.21
C GLY A 64 -5.78 -20.87 2.40
N GLY A 65 -4.73 -21.59 2.80
CA GLY A 65 -3.42 -21.00 2.88
C GLY A 65 -2.94 -20.72 4.30
N ASP A 66 -3.72 -21.10 5.32
CA ASP A 66 -3.25 -20.89 6.68
C ASP A 66 -2.43 -22.09 7.19
N PHE A 67 -1.13 -22.04 7.01
CA PHE A 67 -0.28 -23.15 7.46
C PHE A 67 0.44 -22.86 8.78
N THR A 68 0.22 -21.69 9.38
CA THR A 68 0.85 -21.41 10.67
C THR A 68 -0.05 -21.73 11.86
N ARG A 69 -1.34 -21.40 11.78
CA ARG A 69 -2.24 -21.66 12.91
C ARG A 69 -3.28 -22.72 12.60
N HIS A 70 -3.50 -22.96 11.31
CA HIS A 70 -4.51 -23.91 10.86
C HIS A 70 -5.89 -23.63 11.44
N ASN A 71 -6.23 -22.36 11.65
CA ASN A 71 -7.58 -22.06 12.10
C ASN A 71 -8.20 -20.93 11.30
N GLY A 72 -7.62 -20.62 10.15
CA GLY A 72 -8.15 -19.56 9.31
C GLY A 72 -7.71 -18.14 9.66
N THR A 73 -6.98 -17.98 10.75
CA THR A 73 -6.50 -16.65 11.14
C THR A 73 -5.03 -16.40 10.79
N GLY A 74 -4.32 -17.45 10.37
CA GLY A 74 -2.88 -17.34 10.25
C GLY A 74 -2.29 -17.26 8.85
N GLY A 75 -1.04 -17.73 8.74
CA GLY A 75 -0.29 -17.67 7.49
C GLY A 75 0.70 -16.51 7.47
N LYS A 76 1.67 -16.59 6.56
CA LYS A 76 2.66 -15.53 6.40
C LYS A 76 3.25 -15.61 5.00
N SER A 77 3.80 -14.49 4.54
CA SER A 77 4.43 -14.45 3.25
C SER A 77 5.91 -14.84 3.35
N ILE A 78 6.60 -14.92 2.22
CA ILE A 78 8.04 -15.13 2.20
C ILE A 78 8.81 -13.83 2.45
N TYR A 79 8.09 -12.71 2.54
CA TYR A 79 8.75 -11.41 2.64
C TYR A 79 8.76 -10.84 4.07
N GLY A 80 8.33 -11.65 5.04
CA GLY A 80 7.95 -11.13 6.35
C GLY A 80 6.47 -11.38 6.54
N GLU A 81 5.86 -10.72 7.52
CA GLU A 81 4.50 -11.08 7.91
C GLU A 81 3.42 -10.61 6.92
N LYS A 82 3.60 -9.44 6.31
CA LYS A 82 2.62 -8.86 5.36
C LYS A 82 3.32 -8.11 4.25
N PHE A 83 2.83 -8.19 3.05
CA PHE A 83 3.38 -7.34 2.04
C PHE A 83 2.28 -6.59 1.31
N GLU A 84 2.70 -5.64 0.50
CA GLU A 84 1.82 -4.66 -0.12
C GLU A 84 0.89 -5.27 -1.18
N ASP A 85 -0.25 -4.63 -1.38
CA ASP A 85 -1.04 -4.92 -2.58
C ASP A 85 -0.23 -4.40 -3.76
N GLU A 86 0.27 -5.35 -4.56
CA GLU A 86 1.20 -5.03 -5.62
C GLU A 86 0.59 -4.16 -6.70
N ASN A 87 -0.58 -4.55 -7.17
CA ASN A 87 -1.39 -3.72 -8.05
C ASN A 87 -2.76 -4.36 -8.16
N PHE A 88 -3.69 -3.71 -8.84
CA PHE A 88 -5.01 -4.30 -9.04
C PHE A 88 -5.31 -4.37 -10.54
N ILE A 89 -4.28 -4.64 -11.33
CA ILE A 89 -4.45 -4.70 -12.79
C ILE A 89 -5.45 -5.76 -13.23
N LEU A 90 -5.40 -6.95 -12.61
CA LEU A 90 -6.24 -8.07 -13.03
C LEU A 90 -7.52 -8.17 -12.22
N LYS A 91 -8.60 -8.63 -12.84
CA LYS A 91 -9.91 -8.67 -12.19
C LYS A 91 -10.41 -10.09 -11.95
N HIS A 92 -11.41 -10.18 -11.08
CA HIS A 92 -12.05 -11.44 -10.77
C HIS A 92 -13.09 -11.71 -11.85
N THR A 93 -12.62 -12.19 -12.99
CA THR A 93 -13.42 -12.29 -14.20
C THR A 93 -14.31 -13.53 -14.26
N GLY A 94 -14.02 -14.54 -13.45
CA GLY A 94 -14.77 -15.77 -13.57
C GLY A 94 -14.21 -16.87 -12.70
N PRO A 95 -14.83 -18.06 -12.75
CA PRO A 95 -14.32 -19.20 -11.99
C PRO A 95 -12.87 -19.54 -12.34
N GLY A 96 -12.11 -19.99 -11.35
CA GLY A 96 -10.72 -20.33 -11.53
C GLY A 96 -9.73 -19.22 -11.19
N ILE A 97 -10.24 -18.01 -11.04
CA ILE A 97 -9.39 -16.88 -10.68
C ILE A 97 -8.78 -17.12 -9.29
N LEU A 98 -7.46 -16.93 -9.20
CA LEU A 98 -6.69 -17.10 -7.99
C LEU A 98 -6.30 -15.73 -7.44
N SER A 99 -6.66 -15.48 -6.18
CA SER A 99 -6.55 -14.13 -5.62
C SER A 99 -6.13 -14.16 -4.14
N MET A 100 -5.47 -13.10 -3.69
CA MET A 100 -4.97 -13.04 -2.32
C MET A 100 -6.07 -12.63 -1.33
N ALA A 101 -6.21 -13.39 -0.26
CA ALA A 101 -7.02 -12.98 0.88
C ALA A 101 -6.25 -11.88 1.62
N ASN A 102 -6.92 -11.05 2.40
CA ASN A 102 -6.19 -10.10 3.24
C ASN A 102 -7.00 -9.65 4.45
N ALA A 103 -6.43 -8.75 5.26
CA ALA A 103 -7.13 -8.19 6.42
C ALA A 103 -7.10 -6.67 6.34
N GLY A 104 -7.21 -6.15 5.13
CA GLY A 104 -7.14 -4.73 4.89
C GLY A 104 -6.01 -4.38 3.95
N PRO A 105 -5.86 -3.08 3.65
CA PRO A 105 -4.85 -2.65 2.69
C PRO A 105 -3.47 -3.14 3.06
N ASN A 106 -2.76 -3.68 2.08
CA ASN A 106 -1.36 -4.06 2.22
C ASN A 106 -1.12 -5.04 3.37
N THR A 107 -1.98 -6.04 3.48
CA THR A 107 -1.80 -7.08 4.49
C THR A 107 -1.71 -8.50 3.90
N ASN A 108 -1.16 -8.65 2.71
CA ASN A 108 -1.04 -9.99 2.13
C ASN A 108 -0.07 -10.89 2.88
N GLY A 109 -0.52 -12.10 3.16
CA GLY A 109 0.31 -13.09 3.84
C GLY A 109 0.47 -14.30 2.94
N SER A 110 -0.20 -15.38 3.30
CA SER A 110 -0.18 -16.56 2.47
C SER A 110 -1.59 -17.02 2.08
N GLN A 111 -2.61 -16.54 2.79
CA GLN A 111 -3.98 -16.97 2.48
C GLN A 111 -4.44 -16.46 1.12
N PHE A 112 -5.22 -17.28 0.45
CA PHE A 112 -5.58 -17.06 -0.94
C PHE A 112 -6.98 -17.63 -1.16
N PHE A 113 -7.58 -17.32 -2.30
CA PHE A 113 -8.81 -18.00 -2.61
C PHE A 113 -8.94 -18.26 -4.09
N ILE A 114 -9.75 -19.27 -4.40
CA ILE A 114 -10.07 -19.61 -5.79
C ILE A 114 -11.53 -19.28 -6.04
N CYS A 115 -11.79 -18.41 -7.01
CA CYS A 115 -13.16 -18.07 -7.35
C CYS A 115 -13.87 -19.21 -8.06
N THR A 116 -15.13 -19.45 -7.70
CA THR A 116 -15.92 -20.41 -8.48
C THR A 116 -16.98 -19.68 -9.31
N ALA A 117 -16.87 -18.35 -9.34
CA ALA A 117 -17.76 -17.53 -10.16
C ALA A 117 -17.09 -16.22 -10.45
N LYS A 118 -17.74 -15.40 -11.28
CA LYS A 118 -17.34 -14.02 -11.48
C LYS A 118 -17.66 -13.25 -10.20
N THR A 119 -16.66 -12.59 -9.62
CA THR A 119 -16.88 -11.89 -8.37
C THR A 119 -16.31 -10.49 -8.50
N GLU A 120 -16.93 -9.71 -9.38
CA GLU A 120 -16.44 -8.40 -9.75
C GLU A 120 -16.48 -7.44 -8.56
N TRP A 121 -17.25 -7.78 -7.53
CA TRP A 121 -17.34 -6.94 -6.33
CA TRP A 121 -17.34 -6.94 -6.35
C TRP A 121 -16.10 -7.07 -5.45
N LEU A 122 -15.16 -7.91 -5.85
CA LEU A 122 -13.91 -8.06 -5.13
C LEU A 122 -12.79 -7.32 -5.87
N ASP A 123 -13.10 -6.82 -7.07
CA ASP A 123 -12.09 -6.09 -7.87
C ASP A 123 -11.60 -4.87 -7.10
N GLY A 124 -10.29 -4.62 -7.17
CA GLY A 124 -9.68 -3.53 -6.40
C GLY A 124 -9.54 -3.81 -4.91
N LYS A 125 -10.18 -4.87 -4.41
CA LYS A 125 -10.07 -5.22 -2.99
C LYS A 125 -9.10 -6.37 -2.70
N HIS A 126 -8.91 -7.22 -3.69
CA HIS A 126 -7.99 -8.34 -3.56
C HIS A 126 -7.10 -8.39 -4.78
N VAL A 127 -5.82 -8.69 -4.57
CA VAL A 127 -4.90 -8.80 -5.72
C VAL A 127 -5.04 -10.16 -6.44
N VAL A 128 -5.46 -10.11 -7.70
CA VAL A 128 -5.55 -11.28 -8.56
C VAL A 128 -4.15 -11.59 -9.10
N PHE A 129 -3.70 -12.84 -9.03
CA PHE A 129 -2.34 -13.13 -9.45
C PHE A 129 -2.18 -14.47 -10.16
N GLY A 130 -3.28 -15.16 -10.41
CA GLY A 130 -3.21 -16.40 -11.16
C GLY A 130 -4.55 -16.95 -11.54
N LYS A 131 -4.54 -18.13 -12.18
CA LYS A 131 -5.77 -18.73 -12.68
C LYS A 131 -5.62 -20.24 -12.76
N VAL A 132 -6.67 -20.97 -12.40
CA VAL A 132 -6.66 -22.42 -12.56
C VAL A 132 -6.35 -22.75 -14.02
N LYS A 133 -5.37 -23.61 -14.23
CA LYS A 133 -4.95 -24.04 -15.56
C LYS A 133 -5.67 -25.33 -15.89
N GLU A 134 -5.53 -26.33 -15.03
CA GLU A 134 -6.28 -27.57 -15.18
C GLU A 134 -6.81 -28.04 -13.85
N GLY A 135 -7.92 -28.76 -13.87
CA GLY A 135 -8.48 -29.30 -12.64
C GLY A 135 -9.62 -28.45 -12.06
N MET A 136 -10.20 -27.56 -12.87
CA MET A 136 -11.37 -26.80 -12.42
C MET A 136 -12.47 -27.75 -11.97
N ASN A 137 -12.52 -28.94 -12.57
CA ASN A 137 -13.51 -29.94 -12.15
C ASN A 137 -13.21 -30.46 -10.75
N ILE A 138 -11.97 -30.35 -10.31
CA ILE A 138 -11.60 -30.73 -8.94
C ILE A 138 -12.04 -29.65 -7.94
N VAL A 139 -11.94 -28.38 -8.34
CA VAL A 139 -12.39 -27.29 -7.49
C VAL A 139 -13.91 -27.38 -7.30
N GLU A 140 -14.62 -27.69 -8.37
CA GLU A 140 -16.05 -27.90 -8.30
C GLU A 140 -16.40 -29.05 -7.39
N ALA A 141 -15.62 -30.12 -7.44
CA ALA A 141 -15.85 -31.24 -6.55
C ALA A 141 -15.61 -30.82 -5.11
N MET A 142 -14.62 -29.95 -4.89
CA MET A 142 -14.34 -29.42 -3.55
C MET A 142 -15.54 -28.66 -2.98
N GLU A 143 -16.25 -27.93 -3.85
CA GLU A 143 -17.39 -27.12 -3.44
C GLU A 143 -18.44 -27.90 -2.69
N ARG A 144 -18.69 -29.12 -3.14
CA ARG A 144 -19.71 -29.93 -2.50
C ARG A 144 -19.46 -30.15 -1.01
N PHE A 145 -18.26 -29.85 -0.52
CA PHE A 145 -17.97 -30.08 0.88
C PHE A 145 -18.02 -28.77 1.68
N GLY A 146 -18.35 -27.68 0.98
CA GLY A 146 -18.55 -26.40 1.61
C GLY A 146 -19.98 -26.21 2.10
N SER A 147 -20.35 -24.95 2.35
CA SER A 147 -21.68 -24.61 2.83
C SER A 147 -21.85 -23.12 2.61
N ARG A 148 -23.09 -22.63 2.71
CA ARG A 148 -23.36 -21.23 2.46
C ARG A 148 -22.58 -20.32 3.45
N ASN A 149 -22.36 -20.82 4.66
CA ASN A 149 -21.56 -20.08 5.64
C ASN A 149 -20.06 -20.37 5.58
N GLY A 150 -19.65 -21.35 4.77
CA GLY A 150 -18.23 -21.56 4.48
C GLY A 150 -17.55 -22.70 5.20
N LYS A 151 -18.11 -23.10 6.32
CA LYS A 151 -17.59 -24.21 7.09
C LYS A 151 -17.63 -25.47 6.24
N THR A 152 -16.60 -26.31 6.35
CA THR A 152 -16.52 -27.50 5.49
C THR A 152 -16.94 -28.75 6.23
N SER A 153 -17.60 -29.66 5.52
CA SER A 153 -18.10 -30.88 6.15
C SER A 153 -17.06 -32.02 6.16
N LYS A 154 -15.97 -31.85 5.40
CA LYS A 154 -14.85 -32.77 5.44
C LYS A 154 -13.53 -32.01 5.38
N LYS A 155 -12.44 -32.62 5.86
CA LYS A 155 -11.12 -32.00 5.78
C LYS A 155 -10.63 -31.97 4.34
N ILE A 156 -10.61 -30.78 3.75
CA ILE A 156 -10.13 -30.61 2.39
C ILE A 156 -8.71 -30.08 2.44
N THR A 157 -7.73 -30.92 2.10
CA THR A 157 -6.33 -30.55 2.26
C THR A 157 -5.51 -30.59 0.98
N ILE A 158 -4.37 -29.91 1.05
CA ILE A 158 -3.36 -29.92 0.01
C ILE A 158 -2.37 -31.01 0.42
N ALA A 159 -2.57 -32.21 -0.10
CA ALA A 159 -1.73 -33.36 0.30
C ALA A 159 -0.30 -33.17 -0.20
N ASP A 160 -0.16 -32.52 -1.34
CA ASP A 160 1.15 -32.26 -1.91
C ASP A 160 0.99 -31.06 -2.79
N CYS A 161 2.09 -30.34 -3.01
CA CYS A 161 2.07 -29.23 -3.96
C CYS A 161 3.50 -28.94 -4.41
N GLY A 162 3.65 -28.23 -5.50
CA GLY A 162 4.97 -27.94 -6.03
C GLY A 162 4.84 -27.17 -7.33
N GLN A 163 5.96 -27.03 -8.02
CA GLN A 163 6.00 -26.38 -9.32
C GLN A 163 6.12 -27.43 -10.42
N LEU A 164 5.42 -27.24 -11.53
CA LEU A 164 5.44 -28.17 -12.67
C LEU A 164 6.46 -27.75 -13.68
N VAL B 2 -23.50 20.13 13.62
CA VAL B 2 -23.44 20.27 12.17
C VAL B 2 -23.66 18.91 11.47
N ASN B 3 -23.05 17.83 11.99
CA ASN B 3 -23.30 16.48 11.46
C ASN B 3 -24.78 16.10 11.66
N PRO B 4 -25.47 15.73 10.58
CA PRO B 4 -26.89 15.41 10.73
C PRO B 4 -27.13 14.10 11.50
N THR B 5 -28.34 13.92 12.03
CA THR B 5 -28.75 12.68 12.65
C THR B 5 -30.01 12.17 11.96
N VAL B 6 -30.02 10.90 11.55
CA VAL B 6 -31.24 10.30 11.03
C VAL B 6 -31.64 9.07 11.85
N PHE B 7 -32.89 8.64 11.72
CA PHE B 7 -33.35 7.47 12.45
C PHE B 7 -34.01 6.45 11.52
N PHE B 8 -33.96 5.19 11.94
CA PHE B 8 -34.78 4.12 11.38
C PHE B 8 -35.70 3.61 12.49
N ASP B 9 -37.00 3.53 12.22
CA ASP B 9 -37.86 2.74 13.10
C ASP B 9 -37.94 1.32 12.54
N ILE B 10 -37.47 0.34 13.30
CA ILE B 10 -37.36 -1.02 12.79
C ILE B 10 -38.58 -1.86 13.16
N ALA B 11 -39.10 -2.63 12.21
CA ALA B 11 -40.14 -3.61 12.51
C ALA B 11 -39.71 -5.03 12.15
N VAL B 12 -40.25 -5.99 12.88
CA VAL B 12 -40.01 -7.42 12.64
C VAL B 12 -41.33 -8.09 12.33
N ASP B 13 -41.48 -8.53 11.08
CA ASP B 13 -42.76 -9.03 10.56
C ASP B 13 -43.88 -8.05 10.88
N GLY B 14 -43.65 -6.78 10.61
CA GLY B 14 -44.65 -5.74 10.83
C GLY B 14 -44.79 -5.26 12.27
N GLU B 15 -44.15 -5.95 13.23
CA GLU B 15 -44.23 -5.52 14.63
C GLU B 15 -43.09 -4.58 14.98
N PRO B 16 -43.43 -3.43 15.60
CA PRO B 16 -42.39 -2.48 16.00
C PRO B 16 -41.36 -3.11 16.93
N LEU B 17 -40.08 -2.90 16.61
CA LEU B 17 -38.99 -3.41 17.43
C LEU B 17 -38.35 -2.27 18.23
N GLY B 18 -37.99 -1.20 17.52
CA GLY B 18 -37.40 -0.04 18.16
C GLY B 18 -36.74 0.87 17.15
N ARG B 19 -36.03 1.87 17.65
CA ARG B 19 -35.45 2.87 16.79
C ARG B 19 -33.94 2.82 16.80
N VAL B 20 -33.34 2.98 15.62
CA VAL B 20 -31.91 3.13 15.52
C VAL B 20 -31.62 4.49 14.96
N SER B 21 -30.78 5.25 15.64
CA SER B 21 -30.41 6.55 15.10
C SER B 21 -28.92 6.55 14.75
N PHE B 22 -28.57 7.39 13.77
CA PHE B 22 -27.21 7.46 13.27
C PHE B 22 -26.72 8.89 13.21
N GLU B 23 -25.49 9.10 13.64
CA GLU B 23 -24.78 10.32 13.28
C GLU B 23 -24.13 10.10 11.92
N LEU B 24 -24.31 11.04 11.00
CA LEU B 24 -23.68 10.96 9.69
C LEU B 24 -22.48 11.90 9.61
N PHE B 25 -21.33 11.39 9.18
CA PHE B 25 -20.09 12.15 9.29
C PHE B 25 -19.90 13.08 8.11
N ALA B 26 -20.80 14.05 8.00
CA ALA B 26 -20.81 15.01 6.90
C ALA B 26 -19.54 15.83 6.90
N ASP B 27 -18.93 15.98 8.07
CA ASP B 27 -17.70 16.71 8.20
C ASP B 27 -16.50 15.98 7.51
N LYS B 28 -16.60 14.66 7.32
CA LYS B 28 -15.50 13.92 6.67
C LYS B 28 -15.89 13.38 5.32
N VAL B 29 -17.15 12.96 5.18
CA VAL B 29 -17.61 12.45 3.89
C VAL B 29 -18.97 13.08 3.50
N PRO B 30 -18.95 14.39 3.17
CA PRO B 30 -20.17 15.15 2.91
C PRO B 30 -21.05 14.54 1.82
N LYS B 31 -20.46 14.14 0.71
CA LYS B 31 -21.26 13.59 -0.38
C LYS B 31 -21.94 12.28 0.00
N THR B 32 -21.25 11.42 0.74
CA THR B 32 -21.79 10.12 1.09
C THR B 32 -22.82 10.28 2.21
N ALA B 33 -22.53 11.17 3.15
CA ALA B 33 -23.47 11.43 4.23
C ALA B 33 -24.77 12.00 3.67
N GLU B 34 -24.65 12.93 2.74
CA GLU B 34 -25.81 13.61 2.20
C GLU B 34 -26.71 12.63 1.48
N ASN B 35 -26.10 11.69 0.76
CA ASN B 35 -26.85 10.64 0.07
C ASN B 35 -27.73 9.88 1.05
N PHE B 36 -27.11 9.34 2.10
CA PHE B 36 -27.86 8.56 3.08
C PHE B 36 -28.93 9.40 3.79
N ARG B 37 -28.59 10.66 4.08
CA ARG B 37 -29.51 11.59 4.77
C ARG B 37 -30.78 11.78 3.94
N ALA B 38 -30.60 12.10 2.67
CA ALA B 38 -31.73 12.37 1.78
C ALA B 38 -32.56 11.12 1.55
N LEU B 39 -31.91 9.96 1.49
CA LEU B 39 -32.64 8.72 1.26
C LEU B 39 -33.45 8.37 2.51
N SER B 40 -32.97 8.83 3.65
CA SER B 40 -33.66 8.63 4.92
C SER B 40 -34.88 9.55 5.09
N THR B 41 -34.81 10.79 4.58
CA THR B 41 -35.97 11.69 4.66
C THR B 41 -37.02 11.33 3.62
N GLY B 42 -36.57 10.86 2.45
CA GLY B 42 -37.47 10.58 1.35
C GLY B 42 -37.70 11.78 0.45
N GLU B 43 -37.02 12.87 0.75
CA GLU B 43 -37.25 14.15 0.09
C GLU B 43 -37.04 14.14 -1.43
N LYS B 44 -36.42 13.10 -1.99
CA LYS B 44 -36.31 13.00 -3.46
C LYS B 44 -37.47 12.23 -4.07
N GLY B 45 -38.37 11.74 -3.23
CA GLY B 45 -39.48 10.93 -3.72
C GLY B 45 -39.22 9.43 -3.73
N PHE B 46 -38.04 9.04 -3.26
CA PHE B 46 -37.71 7.62 -3.08
C PHE B 46 -36.74 7.51 -1.91
N GLY B 47 -36.48 6.30 -1.44
CA GLY B 47 -35.61 6.13 -0.30
C GLY B 47 -35.93 4.92 0.57
N TYR B 48 -35.39 4.93 1.78
CA TYR B 48 -35.29 3.71 2.59
C TYR B 48 -36.61 3.24 3.18
N LYS B 49 -37.55 4.16 3.36
CA LYS B 49 -38.81 3.81 4.04
C LYS B 49 -39.47 2.64 3.34
N GLY B 50 -39.84 1.63 4.12
CA GLY B 50 -40.48 0.45 3.58
C GLY B 50 -39.52 -0.67 3.16
N SER B 51 -38.24 -0.36 2.98
CA SER B 51 -37.28 -1.38 2.53
C SER B 51 -36.83 -2.29 3.68
N CYS B 52 -36.20 -3.42 3.33
CA CYS B 52 -35.84 -4.39 4.36
C CYS B 52 -34.32 -4.53 4.52
N PHE B 53 -33.91 -5.21 5.59
CA PHE B 53 -32.53 -5.64 5.74
C PHE B 53 -32.45 -7.04 5.15
N HIS B 54 -31.80 -7.19 4.00
CA HIS B 54 -31.89 -8.44 3.24
C HIS B 54 -30.81 -9.44 3.60
N ARG B 55 -29.78 -8.97 4.28
CA ARG B 55 -28.69 -9.83 4.72
C ARG B 55 -28.22 -9.45 6.11
N ILE B 56 -28.33 -10.40 7.04
CA ILE B 56 -27.90 -10.19 8.41
C ILE B 56 -27.01 -11.35 8.88
N ILE B 57 -25.75 -11.04 9.19
CA ILE B 57 -24.84 -12.08 9.65
C ILE B 57 -24.37 -11.74 11.05
N PRO B 58 -24.86 -12.50 12.06
CA PRO B 58 -24.54 -12.27 13.47
C PRO B 58 -23.05 -12.19 13.72
N GLY B 59 -22.62 -11.17 14.46
CA GLY B 59 -21.21 -10.96 14.75
C GLY B 59 -20.47 -10.28 13.62
N PHE B 60 -21.15 -10.05 12.50
CA PHE B 60 -20.51 -9.39 11.37
C PHE B 60 -21.23 -8.06 11.06
N MET B 61 -22.45 -8.12 10.54
CA MET B 61 -23.09 -6.93 10.00
C MET B 61 -24.54 -7.06 9.56
N CYS B 62 -25.23 -5.93 9.42
CA CYS B 62 -26.58 -5.93 8.90
C CYS B 62 -26.64 -5.06 7.64
N GLN B 63 -27.11 -5.62 6.53
CA GLN B 63 -27.12 -4.92 5.25
C GLN B 63 -28.54 -4.66 4.78
N GLY B 64 -28.81 -3.44 4.31
CA GLY B 64 -30.10 -3.13 3.73
C GLY B 64 -29.91 -2.12 2.63
N GLY B 65 -31.00 -1.43 2.28
CA GLY B 65 -30.90 -0.30 1.37
C GLY B 65 -31.38 -0.51 -0.06
N ASP B 66 -31.81 -1.72 -0.39
CA ASP B 66 -32.40 -2.00 -1.71
C ASP B 66 -33.90 -1.65 -1.75
N PHE B 67 -34.23 -0.42 -2.11
CA PHE B 67 -35.63 0.01 -2.18
C PHE B 67 -36.17 0.03 -3.62
N THR B 68 -35.37 -0.35 -4.60
CA THR B 68 -35.85 -0.38 -5.99
C THR B 68 -36.24 -1.79 -6.44
N ARG B 69 -35.46 -2.81 -6.07
CA ARG B 69 -35.81 -4.17 -6.48
C ARG B 69 -36.19 -5.05 -5.31
N HIS B 70 -35.85 -4.61 -4.10
CA HIS B 70 -36.16 -5.37 -2.89
C HIS B 70 -35.68 -6.82 -2.98
N ASN B 71 -34.53 -7.05 -3.59
CA ASN B 71 -33.98 -8.40 -3.58
C ASN B 71 -32.47 -8.49 -3.33
N GLY B 72 -31.84 -7.38 -2.99
CA GLY B 72 -30.43 -7.38 -2.64
C GLY B 72 -29.51 -6.96 -3.78
N THR B 73 -30.07 -6.78 -4.97
CA THR B 73 -29.27 -6.39 -6.12
C THR B 73 -29.46 -4.93 -6.48
N GLY B 74 -30.50 -4.30 -5.92
CA GLY B 74 -30.87 -2.96 -6.38
C GLY B 74 -30.40 -1.79 -5.55
N GLY B 75 -31.08 -0.67 -5.75
CA GLY B 75 -30.85 0.54 -4.99
C GLY B 75 -30.21 1.60 -5.86
N LYS B 76 -30.42 2.85 -5.50
CA LYS B 76 -29.82 3.94 -6.25
C LYS B 76 -29.54 5.12 -5.36
N SER B 77 -28.51 5.85 -5.72
CA SER B 77 -28.14 7.06 -5.04
C SER B 77 -29.07 8.20 -5.48
N ILE B 78 -28.93 9.34 -4.83
CA ILE B 78 -29.62 10.55 -5.20
C ILE B 78 -28.90 11.30 -6.34
N TYR B 79 -27.81 10.74 -6.85
CA TYR B 79 -26.96 11.48 -7.79
C TYR B 79 -27.17 11.06 -9.24
N GLY B 80 -28.15 10.20 -9.48
CA GLY B 80 -28.51 9.81 -10.84
C GLY B 80 -27.64 8.69 -11.41
N GLU B 81 -26.74 8.17 -10.57
CA GLU B 81 -25.77 7.16 -10.98
C GLU B 81 -25.02 6.70 -9.73
N LYS B 82 -24.33 5.57 -9.83
CA LYS B 82 -23.38 5.16 -8.80
C LYS B 82 -22.35 6.28 -8.62
N PHE B 83 -21.97 6.57 -7.38
CA PHE B 83 -20.96 7.60 -7.18
C PHE B 83 -19.67 7.03 -6.61
N GLU B 84 -18.65 7.88 -6.60
CA GLU B 84 -17.30 7.48 -6.27
C GLU B 84 -17.12 7.18 -4.81
N ASP B 85 -16.14 6.34 -4.51
CA ASP B 85 -15.66 6.21 -3.16
C ASP B 85 -15.04 7.54 -2.76
N GLU B 86 -15.67 8.22 -1.81
CA GLU B 86 -15.29 9.60 -1.49
C GLU B 86 -13.89 9.66 -0.90
N ASN B 87 -13.63 8.82 0.11
CA ASN B 87 -12.31 8.73 0.71
C ASN B 87 -12.35 7.59 1.71
N PHE B 88 -11.20 7.17 2.21
CA PHE B 88 -11.19 6.12 3.22
C PHE B 88 -10.57 6.62 4.51
N ILE B 89 -10.90 7.86 4.86
CA ILE B 89 -10.44 8.47 6.09
C ILE B 89 -10.86 7.68 7.31
N LEU B 90 -12.12 7.23 7.32
CA LEU B 90 -12.62 6.56 8.52
C LEU B 90 -12.57 5.04 8.40
N LYS B 91 -12.37 4.39 9.54
CA LYS B 91 -12.22 2.93 9.62
C LYS B 91 -13.43 2.23 10.23
N HIS B 92 -13.51 0.93 9.97
CA HIS B 92 -14.53 0.09 10.59
C HIS B 92 -14.05 -0.29 11.99
N THR B 93 -14.23 0.62 12.95
CA THR B 93 -13.57 0.50 14.24
C THR B 93 -14.27 -0.39 15.27
N GLY B 94 -15.55 -0.66 15.07
CA GLY B 94 -16.28 -1.45 16.03
C GLY B 94 -17.76 -1.51 15.72
N PRO B 95 -18.54 -2.10 16.64
CA PRO B 95 -20.00 -2.17 16.56
C PRO B 95 -20.63 -0.79 16.32
N GLY B 96 -21.64 -0.73 15.44
CA GLY B 96 -22.33 0.53 15.21
C GLY B 96 -21.89 1.28 13.97
N ILE B 97 -20.69 1.00 13.45
CA ILE B 97 -20.19 1.68 12.26
C ILE B 97 -21.15 1.47 11.08
N LEU B 98 -21.42 2.55 10.36
CA LEU B 98 -22.30 2.57 9.19
C LEU B 98 -21.46 2.80 7.96
N SER B 99 -21.60 1.93 6.97
CA SER B 99 -20.67 1.93 5.85
C SER B 99 -21.37 1.59 4.53
N MET B 100 -20.83 2.08 3.41
CA MET B 100 -21.47 1.81 2.11
C MET B 100 -21.16 0.43 1.54
N ALA B 101 -22.20 -0.29 1.16
CA ALA B 101 -22.01 -1.50 0.38
C ALA B 101 -21.66 -1.10 -1.05
N ASN B 102 -21.01 -1.99 -1.80
CA ASN B 102 -20.73 -1.71 -3.21
C ASN B 102 -20.51 -2.98 -4.05
N ALA B 103 -20.25 -2.76 -5.35
CA ALA B 103 -20.02 -3.84 -6.29
C ALA B 103 -18.65 -3.69 -6.96
N GLY B 104 -17.68 -3.19 -6.21
CA GLY B 104 -16.39 -2.86 -6.77
C GLY B 104 -16.15 -1.38 -6.58
N PRO B 105 -14.98 -0.89 -7.03
CA PRO B 105 -14.58 0.51 -6.81
C PRO B 105 -15.57 1.54 -7.41
N ASN B 106 -15.85 2.59 -6.64
CA ASN B 106 -16.71 3.69 -7.12
C ASN B 106 -18.06 3.23 -7.64
N THR B 107 -18.73 2.34 -6.91
CA THR B 107 -20.07 1.89 -7.29
C THR B 107 -21.07 2.06 -6.15
N ASN B 108 -20.92 3.14 -5.38
CA ASN B 108 -21.86 3.44 -4.32
C ASN B 108 -23.25 3.82 -4.83
N GLY B 109 -24.27 3.16 -4.30
CA GLY B 109 -25.65 3.43 -4.66
C GLY B 109 -26.43 3.86 -3.43
N SER B 110 -27.28 2.96 -2.95
CA SER B 110 -28.01 3.19 -1.71
C SER B 110 -27.78 2.12 -0.64
N GLN B 111 -27.29 0.94 -1.03
CA GLN B 111 -27.09 -0.13 -0.05
C GLN B 111 -25.98 0.23 0.92
N PHE B 112 -26.16 -0.18 2.16
CA PHE B 112 -25.31 0.21 3.28
C PHE B 112 -25.24 -0.98 4.23
N PHE B 113 -24.31 -0.96 5.17
CA PHE B 113 -24.38 -1.96 6.24
C PHE B 113 -23.98 -1.36 7.59
N ILE B 114 -24.49 -1.97 8.64
CA ILE B 114 -24.16 -1.60 10.00
C ILE B 114 -23.31 -2.72 10.62
N CYS B 115 -22.09 -2.39 10.99
CA CYS B 115 -21.23 -3.37 11.66
C CYS B 115 -21.71 -3.73 13.05
N THR B 116 -21.63 -5.01 13.39
CA THR B 116 -21.89 -5.44 14.76
C THR B 116 -20.62 -5.94 15.45
N ALA B 117 -19.47 -5.64 14.85
CA ALA B 117 -18.18 -5.88 15.47
C ALA B 117 -17.13 -5.04 14.74
N LYS B 118 -15.89 -5.08 15.24
CA LYS B 118 -14.80 -4.46 14.52
C LYS B 118 -14.52 -5.28 13.25
N THR B 119 -14.58 -4.65 12.09
CA THR B 119 -14.32 -5.36 10.84
C THR B 119 -13.21 -4.67 10.08
N GLU B 120 -12.03 -4.70 10.67
CA GLU B 120 -10.85 -4.04 10.10
C GLU B 120 -10.54 -4.49 8.67
N TRP B 121 -10.93 -5.71 8.33
CA TRP B 121 -10.67 -6.26 6.99
CA TRP B 121 -10.62 -6.23 7.00
C TRP B 121 -11.52 -5.62 5.92
N LEU B 122 -12.43 -4.74 6.31
CA LEU B 122 -13.23 -4.01 5.34
C LEU B 122 -12.63 -2.61 5.09
N ASP B 123 -11.72 -2.18 5.96
CA ASP B 123 -11.06 -0.88 5.77
C ASP B 123 -10.45 -0.75 4.37
N GLY B 124 -10.68 0.38 3.72
CA GLY B 124 -10.24 0.60 2.36
C GLY B 124 -11.10 -0.04 1.28
N LYS B 125 -12.04 -0.89 1.68
CA LYS B 125 -12.92 -1.60 0.74
C LYS B 125 -14.32 -0.97 0.68
N HIS B 126 -14.68 -0.24 1.73
CA HIS B 126 -16.00 0.35 1.87
C HIS B 126 -15.87 1.71 2.53
N VAL B 127 -16.58 2.71 2.01
CA VAL B 127 -16.56 4.05 2.62
C VAL B 127 -17.42 4.12 3.90
N VAL B 128 -16.74 4.35 5.02
CA VAL B 128 -17.39 4.56 6.29
C VAL B 128 -17.88 5.99 6.36
N PHE B 129 -19.16 6.17 6.72
CA PHE B 129 -19.74 7.50 6.67
C PHE B 129 -20.63 7.84 7.87
N GLY B 130 -20.71 6.95 8.85
CA GLY B 130 -21.57 7.23 9.99
C GLY B 130 -21.47 6.23 11.11
N LYS B 131 -22.24 6.43 12.16
CA LYS B 131 -22.22 5.49 13.27
C LYS B 131 -23.52 5.54 14.06
N VAL B 132 -23.93 4.40 14.60
CA VAL B 132 -25.11 4.32 15.44
C VAL B 132 -24.91 5.21 16.66
N LYS B 133 -25.93 6.00 16.97
CA LYS B 133 -25.91 6.91 18.11
C LYS B 133 -26.73 6.26 19.24
N GLU B 134 -28.00 5.99 18.95
CA GLU B 134 -28.86 5.26 19.88
C GLU B 134 -29.42 4.02 19.23
N GLY B 135 -29.69 3.01 20.03
CA GLY B 135 -30.37 1.83 19.58
C GLY B 135 -29.47 0.69 19.15
N MET B 136 -28.21 0.68 19.61
CA MET B 136 -27.38 -0.50 19.35
C MET B 136 -28.08 -1.76 19.84
N ASN B 137 -28.82 -1.64 20.96
CA ASN B 137 -29.59 -2.77 21.49
C ASN B 137 -30.62 -3.27 20.47
N ILE B 138 -31.15 -2.36 19.65
CA ILE B 138 -32.10 -2.74 18.62
C ILE B 138 -31.38 -3.50 17.49
N VAL B 139 -30.20 -3.01 17.13
CA VAL B 139 -29.37 -3.67 16.13
C VAL B 139 -29.01 -5.09 16.61
N GLU B 140 -28.56 -5.20 17.86
CA GLU B 140 -28.26 -6.50 18.44
C GLU B 140 -29.49 -7.41 18.43
N ALA B 141 -30.68 -6.85 18.67
CA ALA B 141 -31.89 -7.65 18.61
C ALA B 141 -32.18 -8.08 17.17
N MET B 142 -31.85 -7.23 16.19
CA MET B 142 -32.02 -7.58 14.78
C MET B 142 -31.16 -8.78 14.38
N GLU B 143 -29.96 -8.85 14.94
CA GLU B 143 -29.06 -9.97 14.64
C GLU B 143 -29.67 -11.35 14.84
N ARG B 144 -30.56 -11.48 15.81
CA ARG B 144 -31.11 -12.80 16.13
C ARG B 144 -31.97 -13.31 14.98
N PHE B 145 -32.39 -12.43 14.07
CA PHE B 145 -33.17 -12.91 12.93
C PHE B 145 -32.30 -13.13 11.73
N GLY B 146 -30.99 -13.05 11.94
CA GLY B 146 -30.04 -13.34 10.89
C GLY B 146 -29.58 -14.79 10.93
N SER B 147 -28.48 -15.06 10.25
CA SER B 147 -27.98 -16.43 10.14
C SER B 147 -26.57 -16.35 9.61
N ARG B 148 -25.84 -17.46 9.66
CA ARG B 148 -24.44 -17.45 9.29
C ARG B 148 -24.27 -17.13 7.81
N ASN B 149 -25.18 -17.61 6.97
CA ASN B 149 -25.12 -17.28 5.54
C ASN B 149 -25.72 -15.90 5.22
N GLY B 150 -26.57 -15.39 6.10
CA GLY B 150 -27.07 -14.02 5.95
C GLY B 150 -28.56 -13.88 5.73
N LYS B 151 -29.22 -14.97 5.33
CA LYS B 151 -30.66 -14.99 5.14
C LYS B 151 -31.37 -14.72 6.46
N THR B 152 -32.41 -13.90 6.43
CA THR B 152 -33.13 -13.54 7.65
C THR B 152 -34.31 -14.47 7.86
N SER B 153 -34.63 -14.75 9.12
CA SER B 153 -35.69 -15.69 9.42
C SER B 153 -37.02 -14.98 9.64
N LYS B 154 -36.99 -13.65 9.62
CA LYS B 154 -38.20 -12.83 9.66
C LYS B 154 -37.97 -11.58 8.84
N LYS B 155 -39.03 -10.95 8.38
CA LYS B 155 -38.88 -9.74 7.56
C LYS B 155 -38.49 -8.59 8.46
N ILE B 156 -37.27 -8.09 8.29
CA ILE B 156 -36.78 -6.96 9.07
C ILE B 156 -36.86 -5.69 8.24
N THR B 157 -37.75 -4.78 8.61
CA THR B 157 -38.03 -3.63 7.75
C THR B 157 -37.82 -2.30 8.43
N ILE B 158 -37.58 -1.30 7.60
CA ILE B 158 -37.56 0.09 8.01
C ILE B 158 -38.99 0.63 7.89
N ALA B 159 -39.73 0.56 8.99
CA ALA B 159 -41.15 0.96 8.98
C ALA B 159 -41.27 2.46 8.74
N ASP B 160 -40.34 3.21 9.32
CA ASP B 160 -40.28 4.63 9.15
C ASP B 160 -38.84 5.10 9.32
N CYS B 161 -38.52 6.22 8.68
CA CYS B 161 -37.21 6.84 8.81
C CYS B 161 -37.32 8.32 8.49
N GLY B 162 -36.34 9.09 8.95
CA GLY B 162 -36.33 10.52 8.71
C GLY B 162 -35.16 11.18 9.41
N GLN B 163 -35.16 12.51 9.43
CA GLN B 163 -34.06 13.24 10.06
C GLN B 163 -34.46 13.79 11.42
N LEU B 164 -33.59 13.63 12.41
CA LEU B 164 -33.80 14.28 13.70
C LEU B 164 -33.05 15.62 13.72
N VAL C 2 24.78 -20.80 -11.23
CA VAL C 2 23.82 -20.29 -12.22
C VAL C 2 23.70 -18.75 -12.17
N ASN C 3 23.51 -18.18 -10.98
CA ASN C 3 23.56 -16.72 -10.85
C ASN C 3 24.97 -16.26 -11.21
N PRO C 4 25.09 -15.30 -12.14
CA PRO C 4 26.43 -14.87 -12.54
C PRO C 4 27.15 -14.10 -11.45
N THR C 5 28.47 -14.11 -11.51
CA THR C 5 29.32 -13.37 -10.60
C THR C 5 30.19 -12.41 -11.40
N VAL C 6 30.20 -11.12 -11.02
CA VAL C 6 31.05 -10.14 -11.68
C VAL C 6 31.94 -9.44 -10.64
N PHE C 7 32.98 -8.74 -11.10
CA PHE C 7 33.91 -8.08 -10.19
C PHE C 7 34.25 -6.66 -10.68
N PHE C 8 34.59 -5.80 -9.71
CA PHE C 8 35.21 -4.50 -9.96
C PHE C 8 36.58 -4.53 -9.32
N ASP C 9 37.62 -4.15 -10.05
CA ASP C 9 38.88 -3.81 -9.40
C ASP C 9 38.85 -2.30 -9.14
N ILE C 10 38.91 -1.90 -7.87
CA ILE C 10 38.74 -0.49 -7.53
C ILE C 10 40.12 0.18 -7.43
N ALA C 11 40.22 1.39 -7.97
CA ALA C 11 41.43 2.22 -7.80
C ALA C 11 41.11 3.57 -7.13
N VAL C 12 42.06 4.07 -6.35
CA VAL C 12 41.94 5.35 -5.67
C VAL C 12 43.03 6.27 -6.20
N ASP C 13 42.63 7.29 -6.96
CA ASP C 13 43.58 8.13 -7.69
C ASP C 13 44.59 7.29 -8.46
N GLY C 14 44.13 6.26 -9.15
CA GLY C 14 45.00 5.40 -9.94
C GLY C 14 45.71 4.29 -9.17
N GLU C 15 45.70 4.33 -7.84
CA GLU C 15 46.34 3.28 -7.05
C GLU C 15 45.37 2.17 -6.70
N PRO C 16 45.73 0.90 -7.00
CA PRO C 16 44.90 -0.26 -6.70
C PRO C 16 44.50 -0.34 -5.23
N LEU C 17 43.20 -0.47 -5.01
CA LEU C 17 42.68 -0.56 -3.66
C LEU C 17 42.32 -2.01 -3.38
N GLY C 18 41.56 -2.62 -4.28
CA GLY C 18 41.15 -3.99 -4.11
C GLY C 18 40.01 -4.38 -5.03
N ARG C 19 39.51 -5.60 -4.84
CA ARG C 19 38.47 -6.13 -5.71
C ARG C 19 37.14 -6.29 -4.98
N VAL C 20 36.05 -5.92 -5.63
CA VAL C 20 34.73 -6.20 -5.10
C VAL C 20 34.03 -7.11 -6.07
N SER C 21 33.41 -8.18 -5.57
CA SER C 21 32.70 -9.07 -6.47
C SER C 21 31.24 -9.16 -6.03
N PHE C 22 30.37 -9.45 -6.98
CA PHE C 22 28.92 -9.42 -6.79
C PHE C 22 28.26 -10.65 -7.31
N GLU C 23 27.34 -11.22 -6.54
CA GLU C 23 26.42 -12.19 -7.11
C GLU C 23 25.28 -11.40 -7.71
N LEU C 24 24.90 -11.72 -8.95
CA LEU C 24 23.77 -11.04 -9.58
C LEU C 24 22.55 -11.97 -9.56
N PHE C 25 21.42 -11.47 -9.09
CA PHE C 25 20.27 -12.35 -8.83
C PHE C 25 19.42 -12.55 -10.07
N ALA C 26 20.01 -13.21 -11.05
CA ALA C 26 19.34 -13.47 -12.32
C ALA C 26 18.11 -14.35 -12.15
N ASP C 27 18.10 -15.16 -11.09
CA ASP C 27 16.93 -16.00 -10.82
C ASP C 27 15.71 -15.16 -10.42
N LYS C 28 15.92 -13.97 -9.85
CA LYS C 28 14.78 -13.13 -9.45
C LYS C 28 14.55 -11.94 -10.39
N VAL C 29 15.64 -11.34 -10.88
CA VAL C 29 15.54 -10.21 -11.79
C VAL C 29 16.49 -10.40 -12.98
N PRO C 30 16.13 -11.32 -13.89
CA PRO C 30 17.02 -11.67 -15.01
C PRO C 30 17.40 -10.48 -15.85
N LYS C 31 16.43 -9.63 -16.14
CA LYS C 31 16.69 -8.55 -17.09
C LYS C 31 17.60 -7.50 -16.47
N THR C 32 17.39 -7.22 -15.19
CA THR C 32 18.24 -6.24 -14.51
C THR C 32 19.63 -6.82 -14.26
N ALA C 33 19.70 -8.11 -13.93
CA ALA C 33 20.98 -8.74 -13.68
C ALA C 33 21.83 -8.80 -14.97
N GLU C 34 21.18 -9.09 -16.09
CA GLU C 34 21.87 -9.23 -17.36
C GLU C 34 22.50 -7.91 -17.80
N ASN C 35 21.76 -6.83 -17.60
CA ASN C 35 22.21 -5.49 -17.95
C ASN C 35 23.54 -5.17 -17.28
N PHE C 36 23.58 -5.36 -15.97
CA PHE C 36 24.76 -5.06 -15.17
C PHE C 36 25.90 -6.03 -15.52
N ARG C 37 25.56 -7.29 -15.77
CA ARG C 37 26.56 -8.29 -16.17
C ARG C 37 27.26 -7.86 -17.48
N ALA C 38 26.47 -7.47 -18.48
CA ALA C 38 27.03 -7.11 -19.77
C ALA C 38 27.81 -5.80 -19.68
N LEU C 39 27.32 -4.85 -18.90
CA LEU C 39 28.06 -3.61 -18.69
C LEU C 39 29.38 -3.85 -17.97
N SER C 40 29.43 -4.93 -17.19
CA SER C 40 30.63 -5.29 -16.47
C SER C 40 31.68 -5.97 -17.36
N THR C 41 31.23 -6.82 -18.29
CA THR C 41 32.15 -7.44 -19.24
C THR C 41 32.61 -6.45 -20.32
N GLY C 42 31.75 -5.51 -20.69
CA GLY C 42 32.05 -4.58 -21.76
C GLY C 42 31.64 -5.11 -23.13
N GLU C 43 31.02 -6.29 -23.12
CA GLU C 43 30.77 -7.03 -24.36
C GLU C 43 29.87 -6.36 -25.41
N LYS C 44 29.26 -5.22 -25.09
CA LYS C 44 28.46 -4.54 -26.11
C LYS C 44 29.23 -3.39 -26.73
N GLY C 45 30.47 -3.20 -26.29
CA GLY C 45 31.27 -2.09 -26.78
C GLY C 45 31.27 -0.90 -25.85
N PHE C 46 30.54 -1.01 -24.75
CA PHE C 46 30.55 0.04 -23.72
C PHE C 46 30.30 -0.60 -22.35
N GLY C 47 30.63 0.12 -21.28
CA GLY C 47 30.38 -0.40 -19.95
C GLY C 47 31.09 0.32 -18.82
N TYR C 48 31.13 -0.33 -17.66
CA TYR C 48 31.61 0.30 -16.42
C TYR C 48 33.10 0.54 -16.36
N LYS C 49 33.90 -0.17 -17.14
CA LYS C 49 35.36 -0.04 -17.02
C LYS C 49 35.81 1.41 -17.20
N GLY C 50 36.58 1.88 -16.24
CA GLY C 50 37.12 3.22 -16.29
C GLY C 50 36.25 4.31 -15.69
N SER C 51 34.97 4.01 -15.46
CA SER C 51 34.05 5.00 -14.86
C SER C 51 34.31 5.15 -13.34
N CYS C 52 33.72 6.17 -12.71
CA CYS C 52 33.98 6.36 -11.29
C CYS C 52 32.72 6.23 -10.43
N PHE C 53 32.96 6.17 -9.13
CA PHE C 53 31.90 6.31 -8.13
C PHE C 53 31.77 7.79 -7.81
N HIS C 54 30.73 8.43 -8.34
CA HIS C 54 30.60 9.88 -8.22
C HIS C 54 29.98 10.33 -6.90
N ARG C 55 29.22 9.47 -6.24
CA ARG C 55 28.67 9.85 -4.94
C ARG C 55 28.83 8.74 -3.91
N ILE C 56 29.47 9.09 -2.81
CA ILE C 56 29.70 8.16 -1.72
C ILE C 56 29.32 8.82 -0.41
N ILE C 57 28.35 8.23 0.28
CA ILE C 57 27.91 8.76 1.57
C ILE C 57 28.15 7.71 2.65
N PRO C 58 29.14 7.93 3.52
CA PRO C 58 29.49 6.94 4.54
C PRO C 58 28.26 6.56 5.33
N GLY C 59 28.06 5.26 5.53
CA GLY C 59 26.94 4.79 6.31
C GLY C 59 25.67 4.66 5.52
N PHE C 60 25.70 5.08 4.26
CA PHE C 60 24.50 5.01 3.42
C PHE C 60 24.79 4.14 2.20
N MET C 61 25.63 4.64 1.30
CA MET C 61 25.84 3.98 0.00
C MET C 61 26.94 4.58 -0.88
N CYS C 62 27.39 3.79 -1.85
CA CYS C 62 28.32 4.22 -2.88
C CYS C 62 27.65 4.10 -4.23
N GLN C 63 27.58 5.20 -5.00
CA GLN C 63 26.90 5.20 -6.29
C GLN C 63 27.88 5.40 -7.45
N GLY C 64 27.69 4.67 -8.54
CA GLY C 64 28.48 4.88 -9.74
C GLY C 64 27.68 4.49 -10.97
N GLY C 65 28.37 4.21 -12.07
CA GLY C 65 27.69 3.69 -13.24
C GLY C 65 27.48 4.66 -14.39
N ASP C 66 27.90 5.91 -14.21
CA ASP C 66 27.82 6.90 -15.28
C ASP C 66 29.09 6.82 -16.15
N PHE C 67 29.01 6.05 -17.22
CA PHE C 67 30.18 5.87 -18.06
C PHE C 67 30.01 6.63 -19.38
N THR C 68 28.93 7.39 -19.52
CA THR C 68 28.72 8.18 -20.73
C THR C 68 29.08 9.66 -20.52
N ARG C 69 28.63 10.26 -19.43
CA ARG C 69 28.90 11.69 -19.20
C ARG C 69 29.92 11.89 -18.11
N HIS C 70 30.08 10.89 -17.25
CA HIS C 70 31.03 10.94 -16.15
C HIS C 70 30.79 12.13 -15.22
N ASN C 71 29.54 12.54 -15.08
CA ASN C 71 29.23 13.67 -14.20
C ASN C 71 28.10 13.36 -13.22
N GLY C 72 27.61 12.13 -13.24
CA GLY C 72 26.56 11.73 -12.33
C GLY C 72 25.18 11.81 -12.95
N THR C 73 25.10 12.20 -14.23
CA THR C 73 23.80 12.42 -14.86
C THR C 73 23.55 11.44 -15.99
N GLY C 74 24.60 10.76 -16.42
CA GLY C 74 24.51 9.93 -17.60
C GLY C 74 24.38 8.45 -17.31
N GLY C 75 24.75 7.66 -18.31
CA GLY C 75 24.66 6.22 -18.22
C GLY C 75 23.55 5.70 -19.12
N LYS C 76 23.65 4.43 -19.48
CA LYS C 76 22.67 3.80 -20.34
C LYS C 76 22.70 2.28 -20.18
N SER C 77 21.57 1.65 -20.47
CA SER C 77 21.45 0.21 -20.42
C SER C 77 21.91 -0.42 -21.74
N ILE C 78 21.82 -1.74 -21.78
CA ILE C 78 22.13 -2.51 -22.98
C ILE C 78 20.88 -2.65 -23.87
N TYR C 79 19.79 -2.03 -23.45
CA TYR C 79 18.51 -2.23 -24.13
C TYR C 79 18.07 -1.05 -25.04
N GLY C 80 18.94 -0.06 -25.20
CA GLY C 80 18.71 1.02 -26.16
C GLY C 80 17.81 2.12 -25.65
N GLU C 81 17.45 2.00 -24.37
CA GLU C 81 16.48 2.88 -23.73
C GLU C 81 16.45 2.51 -22.25
N LYS C 82 16.07 3.46 -21.40
CA LYS C 82 15.86 3.12 -20.00
C LYS C 82 14.79 2.03 -19.90
N PHE C 83 14.95 1.12 -18.95
CA PHE C 83 14.02 -0.01 -18.87
C PHE C 83 13.22 -0.05 -17.56
N GLU C 84 12.17 -0.85 -17.57
CA GLU C 84 11.15 -0.86 -16.53
C GLU C 84 11.70 -1.39 -15.20
N ASP C 85 11.15 -0.93 -14.09
CA ASP C 85 11.44 -1.57 -12.82
C ASP C 85 10.91 -2.99 -12.95
N GLU C 86 11.81 -3.95 -12.87
CA GLU C 86 11.48 -5.33 -13.20
C GLU C 86 10.54 -5.96 -12.17
N ASN C 87 10.93 -5.86 -10.90
CA ASN C 87 10.05 -6.19 -9.79
C ASN C 87 10.66 -5.67 -8.50
N PHE C 88 9.95 -5.79 -7.38
CA PHE C 88 10.50 -5.43 -6.08
C PHE C 88 10.52 -6.62 -5.11
N ILE C 89 10.82 -7.80 -5.64
CA ILE C 89 10.87 -9.02 -4.83
C ILE C 89 11.91 -8.91 -3.74
N LEU C 90 13.04 -8.29 -4.06
CA LEU C 90 14.17 -8.21 -3.13
C LEU C 90 14.26 -6.86 -2.40
N LYS C 91 14.63 -6.93 -1.13
CA LYS C 91 14.75 -5.79 -0.23
C LYS C 91 16.18 -5.31 -0.01
N HIS C 92 16.34 -4.07 0.45
CA HIS C 92 17.65 -3.56 0.84
C HIS C 92 17.90 -4.00 2.27
N THR C 93 18.44 -5.20 2.43
CA THR C 93 18.47 -5.87 3.73
C THR C 93 19.65 -5.51 4.62
N GLY C 94 20.73 -5.04 4.02
CA GLY C 94 21.91 -4.71 4.82
C GLY C 94 23.07 -4.30 3.94
N PRO C 95 24.25 -4.10 4.54
CA PRO C 95 25.43 -3.69 3.73
C PRO C 95 25.75 -4.73 2.65
N GLY C 96 26.16 -4.26 1.47
CA GLY C 96 26.52 -5.15 0.38
C GLY C 96 25.48 -5.24 -0.73
N ILE C 97 24.25 -4.83 -0.42
CA ILE C 97 23.17 -4.89 -1.40
C ILE C 97 23.50 -4.03 -2.62
N LEU C 98 23.29 -4.59 -3.80
CA LEU C 98 23.48 -3.90 -5.08
C LEU C 98 22.12 -3.58 -5.70
N SER C 99 21.92 -2.32 -6.08
CA SER C 99 20.58 -1.87 -6.44
C SER C 99 20.61 -0.80 -7.54
N MET C 100 19.55 -0.68 -8.35
CA MET C 100 19.53 0.32 -9.42
C MET C 100 19.16 1.73 -8.96
N ALA C 101 20.00 2.69 -9.34
CA ALA C 101 19.65 4.09 -9.24
C ALA C 101 18.64 4.41 -10.34
N ASN C 102 17.83 5.46 -10.15
CA ASN C 102 16.92 5.88 -11.21
C ASN C 102 16.50 7.34 -11.06
N ALA C 103 15.68 7.80 -12.00
CA ALA C 103 15.16 9.17 -12.00
C ALA C 103 13.63 9.18 -11.95
N GLY C 104 13.06 8.22 -11.22
CA GLY C 104 11.62 8.03 -11.19
C GLY C 104 11.28 6.62 -11.62
N PRO C 105 10.00 6.25 -11.58
CA PRO C 105 9.56 4.91 -11.96
C PRO C 105 10.02 4.52 -13.36
N ASN C 106 10.47 3.28 -13.53
CA ASN C 106 10.88 2.73 -14.83
C ASN C 106 11.90 3.56 -15.61
N THR C 107 12.92 4.08 -14.94
CA THR C 107 14.00 4.79 -15.62
C THR C 107 15.37 4.17 -15.34
N ASN C 108 15.44 2.84 -15.35
CA ASN C 108 16.71 2.17 -15.11
C ASN C 108 17.64 2.26 -16.32
N GLY C 109 18.87 2.69 -16.09
CA GLY C 109 19.87 2.78 -17.14
C GLY C 109 21.09 1.94 -16.76
N SER C 110 22.14 2.61 -16.28
CA SER C 110 23.35 1.90 -15.90
C SER C 110 23.82 2.27 -14.49
N GLN C 111 23.31 3.36 -13.92
CA GLN C 111 23.75 3.75 -12.59
C GLN C 111 23.20 2.81 -11.53
N PHE C 112 24.01 2.58 -10.51
CA PHE C 112 23.74 1.57 -9.50
C PHE C 112 24.29 2.10 -8.22
N PHE C 113 23.94 1.48 -7.10
CA PHE C 113 24.59 1.83 -5.87
C PHE C 113 24.77 0.61 -4.99
N ILE C 114 25.75 0.70 -4.10
CA ILE C 114 26.06 -0.35 -3.15
C ILE C 114 25.79 0.14 -1.74
N CYS C 115 24.79 -0.43 -1.09
CA CYS C 115 24.50 -0.12 0.31
C CYS C 115 25.62 -0.49 1.27
N THR C 116 25.84 0.35 2.27
CA THR C 116 26.81 0.06 3.32
C THR C 116 26.08 -0.04 4.65
N ALA C 117 24.76 -0.16 4.55
CA ALA C 117 23.91 -0.39 5.70
C ALA C 117 22.57 -0.90 5.19
N LYS C 118 21.74 -1.35 6.11
CA LYS C 118 20.36 -1.65 5.82
C LYS C 118 19.61 -0.35 5.45
N THR C 119 19.04 -0.28 4.27
CA THR C 119 18.34 0.92 3.84
C THR C 119 16.91 0.57 3.43
N GLU C 120 16.13 0.22 4.44
CA GLU C 120 14.76 -0.26 4.24
C GLU C 120 13.87 0.79 3.61
N TRP C 121 14.19 2.05 3.87
CA TRP C 121 13.44 3.17 3.31
CA TRP C 121 13.41 3.14 3.32
C TRP C 121 13.62 3.29 1.81
N LEU C 122 14.50 2.46 1.24
CA LEU C 122 14.64 2.45 -0.21
C LEU C 122 13.83 1.33 -0.85
N ASP C 123 13.26 0.43 -0.03
CA ASP C 123 12.50 -0.70 -0.57
C ASP C 123 11.35 -0.19 -1.40
N GLY C 124 11.17 -0.78 -2.58
CA GLY C 124 10.06 -0.40 -3.46
C GLY C 124 10.36 0.85 -4.28
N LYS C 125 11.50 1.47 -4.03
CA LYS C 125 11.89 2.69 -4.74
C LYS C 125 13.01 2.42 -5.76
N HIS C 126 13.72 1.31 -5.54
CA HIS C 126 14.87 0.90 -6.36
C HIS C 126 14.89 -0.64 -6.49
N VAL C 127 15.12 -1.15 -7.69
CA VAL C 127 15.20 -2.60 -7.89
C VAL C 127 16.52 -3.20 -7.40
N VAL C 128 16.45 -4.00 -6.33
CA VAL C 128 17.60 -4.74 -5.82
C VAL C 128 17.89 -5.89 -6.78
N PHE C 129 19.15 -6.06 -7.17
CA PHE C 129 19.43 -7.12 -8.15
C PHE C 129 20.72 -7.90 -7.88
N GLY C 130 21.44 -7.55 -6.82
CA GLY C 130 22.65 -8.29 -6.54
C GLY C 130 23.19 -7.99 -5.18
N LYS C 131 24.30 -8.62 -4.81
CA LYS C 131 24.90 -8.40 -3.51
C LYS C 131 26.38 -8.73 -3.51
N VAL C 132 27.16 -7.93 -2.77
CA VAL C 132 28.58 -8.14 -2.66
C VAL C 132 28.89 -9.54 -2.14
N LYS C 133 29.73 -10.29 -2.86
CA LYS C 133 30.23 -11.60 -2.42
C LYS C 133 31.53 -11.41 -1.65
N GLU C 134 32.57 -10.97 -2.35
CA GLU C 134 33.82 -10.67 -1.66
C GLU C 134 34.16 -9.19 -1.77
N GLY C 135 34.91 -8.69 -0.78
CA GLY C 135 35.45 -7.35 -0.85
C GLY C 135 34.62 -6.27 -0.17
N MET C 136 33.78 -6.64 0.81
CA MET C 136 33.06 -5.62 1.59
C MET C 136 34.05 -4.71 2.33
N ASN C 137 35.18 -5.29 2.72
CA ASN C 137 36.26 -4.53 3.34
C ASN C 137 36.77 -3.44 2.40
N ILE C 138 36.79 -3.74 1.10
CA ILE C 138 37.18 -2.76 0.08
C ILE C 138 36.10 -1.68 -0.04
N VAL C 139 34.83 -2.10 -0.04
CA VAL C 139 33.71 -1.15 -0.07
C VAL C 139 33.82 -0.21 1.12
N GLU C 140 34.10 -0.78 2.29
CA GLU C 140 34.28 0.03 3.49
C GLU C 140 35.42 1.01 3.33
N ALA C 141 36.51 0.59 2.70
CA ALA C 141 37.64 1.50 2.49
C ALA C 141 37.25 2.63 1.52
N MET C 142 36.46 2.33 0.50
CA MET C 142 35.96 3.36 -0.41
C MET C 142 35.21 4.49 0.33
N GLU C 143 34.47 4.11 1.37
CA GLU C 143 33.67 5.03 2.15
C GLU C 143 34.48 6.17 2.75
N ARG C 144 35.72 5.88 3.16
CA ARG C 144 36.56 6.87 3.83
C ARG C 144 36.85 8.03 2.87
N PHE C 145 36.63 7.81 1.58
CA PHE C 145 36.83 8.87 0.60
C PHE C 145 35.52 9.54 0.20
N GLY C 146 34.42 9.19 0.89
CA GLY C 146 33.17 9.90 0.72
C GLY C 146 32.99 11.03 1.74
N SER C 147 31.83 11.66 1.73
CA SER C 147 31.54 12.75 2.64
C SER C 147 30.07 12.70 3.02
N ARG C 148 29.66 13.46 4.03
CA ARG C 148 28.27 13.47 4.45
C ARG C 148 27.36 13.85 3.28
N ASN C 149 27.84 14.73 2.39
CA ASN C 149 27.05 15.17 1.23
C ASN C 149 27.20 14.30 -0.02
N GLY C 150 28.25 13.49 -0.08
CA GLY C 150 28.41 12.56 -1.18
C GLY C 150 29.59 12.78 -2.09
N LYS C 151 30.13 13.99 -2.10
CA LYS C 151 31.27 14.30 -2.98
C LYS C 151 32.50 13.54 -2.46
N THR C 152 33.32 13.04 -3.39
CA THR C 152 34.49 12.24 -3.00
C THR C 152 35.74 13.09 -2.92
N SER C 153 36.66 12.72 -2.05
CA SER C 153 37.87 13.50 -1.81
C SER C 153 39.01 13.00 -2.68
N LYS C 154 38.84 11.80 -3.23
CA LYS C 154 39.78 11.25 -4.20
C LYS C 154 38.96 10.61 -5.31
N LYS C 155 39.58 10.44 -6.47
CA LYS C 155 38.90 9.81 -7.57
C LYS C 155 38.82 8.29 -7.34
N ILE C 156 37.61 7.77 -7.21
CA ILE C 156 37.38 6.36 -6.97
C ILE C 156 36.89 5.71 -8.25
N THR C 157 37.75 4.90 -8.88
CA THR C 157 37.43 4.37 -10.21
C THR C 157 37.35 2.87 -10.30
N ILE C 158 36.60 2.42 -11.30
CA ILE C 158 36.57 1.02 -11.68
C ILE C 158 37.69 0.79 -12.68
N ALA C 159 38.87 0.44 -12.17
CA ALA C 159 40.06 0.27 -13.01
C ALA C 159 39.82 -0.84 -14.02
N ASP C 160 39.20 -1.91 -13.55
CA ASP C 160 38.90 -3.06 -14.39
C ASP C 160 37.66 -3.75 -13.86
N CYS C 161 36.96 -4.46 -14.74
CA CYS C 161 35.77 -5.21 -14.34
C CYS C 161 35.50 -6.28 -15.36
N GLY C 162 34.74 -7.30 -14.95
CA GLY C 162 34.28 -8.32 -15.87
C GLY C 162 33.61 -9.45 -15.13
N GLN C 163 33.48 -10.59 -15.80
CA GLN C 163 32.77 -11.72 -15.22
C GLN C 163 33.69 -12.83 -14.74
N LEU C 164 33.41 -13.34 -13.55
CA LEU C 164 34.11 -14.49 -13.03
C LEU C 164 33.30 -15.75 -13.38
N MET D 1 -15.13 21.24 1.87
CA MET D 1 -15.30 20.74 0.51
C MET D 1 -14.37 21.47 -0.50
N VAL D 2 -13.94 22.70 -0.20
CA VAL D 2 -12.79 23.28 -0.91
C VAL D 2 -11.51 22.74 -0.29
N ASN D 3 -10.42 22.76 -1.06
CA ASN D 3 -9.11 22.38 -0.53
C ASN D 3 -8.74 23.27 0.66
N PRO D 4 -8.42 22.64 1.80
CA PRO D 4 -8.10 23.41 3.00
C PRO D 4 -6.75 24.11 2.87
N THR D 5 -6.58 25.17 3.65
CA THR D 5 -5.36 25.96 3.69
C THR D 5 -4.81 25.94 5.09
N VAL D 6 -3.52 25.63 5.26
CA VAL D 6 -2.94 25.68 6.60
C VAL D 6 -1.71 26.58 6.59
N PHE D 7 -1.37 27.08 7.76
CA PHE D 7 -0.20 27.94 7.86
C PHE D 7 0.79 27.37 8.84
N PHE D 8 2.07 27.64 8.59
CA PHE D 8 3.12 27.53 9.60
C PHE D 8 3.66 28.93 9.94
N ASP D 9 3.76 29.26 11.22
CA ASP D 9 4.58 30.41 11.63
C ASP D 9 5.99 29.92 12.00
N ILE D 10 6.95 30.31 11.18
CA ILE D 10 8.33 29.83 11.29
C ILE D 10 9.16 30.73 12.21
N ALA D 11 9.95 30.10 13.08
CA ALA D 11 10.92 30.82 13.91
C ALA D 11 12.34 30.29 13.66
N VAL D 12 13.31 31.17 13.84
CA VAL D 12 14.72 30.86 13.71
C VAL D 12 15.35 31.14 15.07
N ASP D 13 15.81 30.09 15.73
CA ASP D 13 16.24 30.18 17.13
C ASP D 13 15.27 30.97 18.00
N GLY D 14 13.98 30.71 17.87
CA GLY D 14 13.00 31.39 18.70
C GLY D 14 12.51 32.73 18.15
N GLU D 15 13.23 33.30 17.19
CA GLU D 15 12.83 34.55 16.54
C GLU D 15 11.86 34.31 15.40
N PRO D 16 10.65 34.89 15.48
CA PRO D 16 9.66 34.74 14.41
C PRO D 16 10.17 35.29 13.10
N LEU D 17 10.16 34.48 12.06
CA LEU D 17 10.62 34.93 10.76
C LEU D 17 9.44 35.40 9.87
N GLY D 18 8.35 34.64 9.89
CA GLY D 18 7.23 34.85 8.99
C GLY D 18 6.30 33.63 8.85
N ARG D 19 5.34 33.75 7.95
CA ARG D 19 4.29 32.76 7.83
C ARG D 19 4.39 32.08 6.48
N VAL D 20 4.24 30.75 6.47
CA VAL D 20 4.10 30.01 5.22
C VAL D 20 2.71 29.41 5.17
N SER D 21 2.06 29.42 4.02
CA SER D 21 0.78 28.75 3.97
C SER D 21 0.76 27.74 2.84
N PHE D 22 -0.08 26.72 3.00
CA PHE D 22 -0.16 25.61 2.05
C PHE D 22 -1.57 25.33 1.62
N GLU D 23 -1.77 25.10 0.33
CA GLU D 23 -2.98 24.47 -0.13
C GLU D 23 -2.81 22.95 0.01
N LEU D 24 -3.80 22.27 0.56
CA LEU D 24 -3.74 20.82 0.66
C LEU D 24 -4.72 20.22 -0.34
N PHE D 25 -4.22 19.39 -1.24
CA PHE D 25 -5.04 18.87 -2.35
C PHE D 25 -5.99 17.75 -1.90
N ALA D 26 -6.91 18.10 -1.00
CA ALA D 26 -7.94 17.20 -0.52
C ALA D 26 -8.73 16.56 -1.67
N ASP D 27 -8.85 17.27 -2.78
CA ASP D 27 -9.60 16.76 -3.93
C ASP D 27 -8.90 15.58 -4.62
N LYS D 28 -7.59 15.41 -4.41
CA LYS D 28 -6.84 14.33 -5.05
C LYS D 28 -6.35 13.29 -4.04
N VAL D 29 -6.00 13.74 -2.84
CA VAL D 29 -5.47 12.87 -1.78
C VAL D 29 -6.11 13.22 -0.45
N PRO D 30 -7.42 12.95 -0.32
CA PRO D 30 -8.15 13.44 0.85
C PRO D 30 -7.66 12.87 2.16
N LYS D 31 -7.28 11.59 2.18
CA LYS D 31 -6.82 10.99 3.42
C LYS D 31 -5.49 11.62 3.85
N THR D 32 -4.57 11.76 2.91
CA THR D 32 -3.26 12.35 3.23
C THR D 32 -3.40 13.84 3.60
N ALA D 33 -4.21 14.57 2.84
CA ALA D 33 -4.49 15.99 3.15
C ALA D 33 -5.04 16.14 4.57
N GLU D 34 -5.96 15.25 4.92
CA GLU D 34 -6.67 15.34 6.21
C GLU D 34 -5.73 15.12 7.39
N ASN D 35 -4.80 14.20 7.20
CA ASN D 35 -3.76 13.95 8.20
C ASN D 35 -2.96 15.23 8.49
N PHE D 36 -2.42 15.83 7.44
CA PHE D 36 -1.59 17.01 7.59
C PHE D 36 -2.40 18.17 8.19
N ARG D 37 -3.63 18.37 7.70
CA ARG D 37 -4.50 19.40 8.23
C ARG D 37 -4.73 19.23 9.75
N ALA D 38 -5.18 18.05 10.15
CA ALA D 38 -5.42 17.76 11.57
C ALA D 38 -4.17 17.93 12.40
N LEU D 39 -3.02 17.53 11.87
CA LEU D 39 -1.78 17.68 12.66
C LEU D 39 -1.39 19.15 12.84
N SER D 40 -1.87 19.98 11.90
CA SER D 40 -1.59 21.39 11.89
C SER D 40 -2.44 22.19 12.86
N THR D 41 -3.63 21.67 13.21
CA THR D 41 -4.50 22.38 14.14
C THR D 41 -4.36 21.92 15.59
N GLY D 42 -3.88 20.71 15.79
CA GLY D 42 -3.75 20.15 17.12
C GLY D 42 -5.05 19.51 17.60
N GLU D 43 -6.03 19.41 16.72
CA GLU D 43 -7.36 18.94 17.12
C GLU D 43 -7.38 17.44 17.49
N LYS D 44 -6.27 16.73 17.31
CA LYS D 44 -6.18 15.32 17.72
C LYS D 44 -5.32 15.16 18.96
N GLY D 45 -4.92 16.26 19.58
CA GLY D 45 -4.18 16.19 20.83
C GLY D 45 -2.68 16.05 20.65
N PHE D 46 -2.21 16.15 19.41
CA PHE D 46 -0.77 16.15 19.12
C PHE D 46 -0.60 16.75 17.74
N GLY D 47 0.61 17.19 17.41
CA GLY D 47 0.79 17.77 16.10
C GLY D 47 2.06 18.57 15.92
N TYR D 48 2.11 19.31 14.82
CA TYR D 48 3.32 19.97 14.36
C TYR D 48 3.80 21.12 15.24
N LYS D 49 2.89 21.75 15.98
CA LYS D 49 3.30 22.93 16.74
C LYS D 49 4.47 22.64 17.68
N GLY D 50 5.52 23.44 17.54
CA GLY D 50 6.68 23.31 18.41
C GLY D 50 7.78 22.44 17.84
N SER D 51 7.48 21.70 16.76
CA SER D 51 8.47 20.78 16.17
C SER D 51 9.41 21.54 15.26
N CYS D 52 10.50 20.91 14.84
CA CYS D 52 11.48 21.60 14.01
C CYS D 52 11.60 20.99 12.61
N PHE D 53 12.34 21.68 11.75
CA PHE D 53 12.79 21.12 10.47
C PHE D 53 14.17 20.53 10.72
N HIS D 54 14.26 19.20 10.79
CA HIS D 54 15.48 18.55 11.25
C HIS D 54 16.48 18.34 10.13
N ARG D 55 16.02 18.39 8.89
CA ARG D 55 16.89 18.19 7.76
C ARG D 55 16.56 19.16 6.64
N ILE D 56 17.53 19.99 6.28
CA ILE D 56 17.36 20.98 5.22
C ILE D 56 18.54 20.93 4.24
N ILE D 57 18.26 20.56 3.01
CA ILE D 57 19.29 20.45 1.98
C ILE D 57 19.01 21.46 0.88
N PRO D 58 19.82 22.54 0.82
CA PRO D 58 19.64 23.63 -0.14
C PRO D 58 19.58 23.13 -1.55
N GLY D 59 18.62 23.63 -2.33
CA GLY D 59 18.43 23.18 -3.70
C GLY D 59 17.67 21.87 -3.80
N PHE D 60 17.31 21.30 -2.67
CA PHE D 60 16.59 20.02 -2.68
C PHE D 60 15.24 20.13 -1.94
N MET D 61 15.29 20.37 -0.64
CA MET D 61 14.12 20.26 0.22
C MET D 61 14.34 20.56 1.69
N CYS D 62 13.24 20.82 2.39
CA CYS D 62 13.20 21.00 3.82
C CYS D 62 12.27 19.97 4.45
N GLN D 63 12.77 19.23 5.45
CA GLN D 63 12.00 18.15 6.04
C GLN D 63 11.69 18.43 7.50
N GLY D 64 10.45 18.17 7.92
CA GLY D 64 10.13 18.22 9.34
C GLY D 64 8.99 17.28 9.70
N GLY D 65 8.36 17.52 10.84
CA GLY D 65 7.21 16.71 11.19
C GLY D 65 7.41 15.70 12.30
N ASP D 66 8.62 15.58 12.83
CA ASP D 66 8.82 14.67 13.96
C ASP D 66 8.51 15.38 15.28
N PHE D 67 7.28 15.26 15.74
CA PHE D 67 6.89 15.91 16.99
C PHE D 67 6.88 14.91 18.16
N THR D 68 7.22 13.65 17.90
CA THR D 68 7.23 12.67 19.00
C THR D 68 8.61 12.48 19.59
N ARG D 69 9.63 12.37 18.76
CA ARG D 69 10.97 12.17 19.29
C ARG D 69 11.88 13.38 19.08
N HIS D 70 11.50 14.26 18.15
CA HIS D 70 12.30 15.44 17.85
C HIS D 70 13.74 15.10 17.52
N ASN D 71 13.98 13.98 16.85
CA ASN D 71 15.33 13.66 16.42
C ASN D 71 15.35 13.16 14.98
N GLY D 72 14.24 13.29 14.27
CA GLY D 72 14.18 12.88 12.88
C GLY D 72 13.77 11.43 12.60
N THR D 73 13.54 10.65 13.65
CA THR D 73 13.14 9.26 13.51
C THR D 73 11.66 9.03 13.84
N GLY D 74 11.06 10.01 14.50
CA GLY D 74 9.72 9.79 15.04
C GLY D 74 8.60 10.36 14.21
N GLY D 75 7.48 10.65 14.89
CA GLY D 75 6.27 11.12 14.23
C GLY D 75 5.23 10.03 14.12
N LYS D 76 3.95 10.42 14.06
CA LYS D 76 2.85 9.48 13.90
C LYS D 76 1.69 10.18 13.21
N SER D 77 0.82 9.40 12.57
CA SER D 77 -0.32 9.96 11.88
C SER D 77 -1.54 10.04 12.80
N ILE D 78 -2.62 10.62 12.31
CA ILE D 78 -3.88 10.63 13.06
C ILE D 78 -4.59 9.27 12.91
N TYR D 79 -4.08 8.40 12.05
CA TYR D 79 -4.76 7.17 11.73
C TYR D 79 -4.20 5.95 12.47
N GLY D 80 -3.48 6.17 13.56
CA GLY D 80 -2.90 5.06 14.30
C GLY D 80 -1.59 4.56 13.73
N GLU D 81 -0.67 5.51 13.49
CA GLU D 81 0.79 5.32 13.41
C GLU D 81 1.38 5.29 12.00
N LYS D 82 0.88 4.42 11.12
CA LYS D 82 1.35 4.45 9.73
C LYS D 82 0.17 4.23 8.83
N PHE D 83 0.13 4.94 7.70
CA PHE D 83 -0.93 4.68 6.77
C PHE D 83 -0.39 4.55 5.38
N GLU D 84 -1.27 4.10 4.49
CA GLU D 84 -0.90 3.70 3.15
C GLU D 84 -0.53 4.88 2.26
N ASP D 85 0.26 4.61 1.23
CA ASP D 85 0.45 5.55 0.14
C ASP D 85 -0.87 5.68 -0.60
N GLU D 86 -1.54 6.82 -0.47
CA GLU D 86 -2.91 6.96 -0.96
C GLU D 86 -3.00 6.82 -2.48
N ASN D 87 -2.12 7.51 -3.17
CA ASN D 87 -1.94 7.37 -4.61
C ASN D 87 -0.71 8.19 -4.98
N PHE D 88 -0.30 8.10 -6.24
CA PHE D 88 0.82 8.90 -6.71
C PHE D 88 0.36 9.76 -7.88
N ILE D 89 -0.88 10.23 -7.81
CA ILE D 89 -1.43 11.05 -8.90
C ILE D 89 -0.58 12.30 -9.14
N LEU D 90 -0.23 13.00 -8.07
CA LEU D 90 0.50 14.27 -8.18
C LEU D 90 2.02 14.09 -8.20
N LYS D 91 2.70 14.95 -8.98
CA LYS D 91 4.15 14.87 -9.16
C LYS D 91 4.90 15.97 -8.44
N HIS D 92 6.21 15.78 -8.27
CA HIS D 92 7.08 16.78 -7.66
C HIS D 92 7.54 17.76 -8.75
N THR D 93 6.65 18.68 -9.09
CA THR D 93 6.78 19.52 -10.29
C THR D 93 7.71 20.73 -10.15
N GLY D 94 7.95 21.19 -8.93
CA GLY D 94 8.85 22.32 -8.72
C GLY D 94 8.90 22.78 -7.28
N PRO D 95 9.53 23.92 -7.03
CA PRO D 95 9.60 24.50 -5.68
C PRO D 95 8.21 24.64 -5.03
N GLY D 96 8.14 24.36 -3.73
CA GLY D 96 6.91 24.55 -2.98
C GLY D 96 6.04 23.32 -2.81
N ILE D 97 6.35 22.26 -3.55
CA ILE D 97 5.58 21.03 -3.45
C ILE D 97 5.70 20.43 -2.05
N LEU D 98 4.57 20.06 -1.49
CA LEU D 98 4.48 19.47 -0.17
C LEU D 98 4.25 17.97 -0.32
N SER D 99 5.13 17.17 0.29
CA SER D 99 5.15 15.72 0.05
C SER D 99 5.46 14.92 1.32
N MET D 100 4.94 13.70 1.40
CA MET D 100 5.16 12.85 2.58
C MET D 100 6.50 12.11 2.60
N ALA D 101 7.23 12.23 3.70
CA ALA D 101 8.40 11.38 3.94
C ALA D 101 7.91 9.99 4.36
N ASN D 102 8.74 8.97 4.18
CA ASN D 102 8.35 7.63 4.64
C ASN D 102 9.55 6.74 4.88
N ALA D 103 9.27 5.50 5.23
CA ALA D 103 10.33 4.53 5.51
C ALA D 103 10.12 3.29 4.65
N GLY D 104 9.63 3.51 3.44
CA GLY D 104 9.28 2.43 2.55
C GLY D 104 7.79 2.47 2.24
N PRO D 105 7.32 1.51 1.45
CA PRO D 105 5.92 1.48 0.99
C PRO D 105 4.91 1.54 2.13
N ASN D 106 3.94 2.45 2.03
CA ASN D 106 2.83 2.47 2.97
C ASN D 106 3.27 2.65 4.41
N THR D 107 4.20 3.58 4.63
CA THR D 107 4.64 3.89 5.99
C THR D 107 4.53 5.40 6.31
N ASN D 108 3.51 6.06 5.79
CA ASN D 108 3.30 7.48 6.08
C ASN D 108 2.95 7.74 7.53
N GLY D 109 3.65 8.68 8.14
CA GLY D 109 3.35 9.07 9.51
C GLY D 109 2.93 10.53 9.57
N SER D 110 3.82 11.37 10.07
CA SER D 110 3.59 12.80 10.13
C SER D 110 4.70 13.56 9.40
N GLN D 111 5.85 12.93 9.21
CA GLN D 111 6.95 13.64 8.58
C GLN D 111 6.68 13.98 7.13
N PHE D 112 7.18 15.15 6.72
CA PHE D 112 6.88 15.72 5.41
C PHE D 112 8.08 16.50 4.94
N PHE D 113 8.09 16.82 3.66
CA PHE D 113 9.09 17.73 3.19
C PHE D 113 8.48 18.70 2.17
N ILE D 114 9.13 19.86 2.07
CA ILE D 114 8.81 20.89 1.11
C ILE D 114 9.95 20.99 0.11
N CYS D 115 9.67 20.69 -1.15
CA CYS D 115 10.69 20.82 -2.19
C CYS D 115 11.10 22.28 -2.47
N THR D 116 12.38 22.49 -2.72
CA THR D 116 12.82 23.81 -3.15
C THR D 116 13.33 23.75 -4.59
N ALA D 117 13.01 22.66 -5.28
CA ALA D 117 13.30 22.51 -6.71
C ALA D 117 12.41 21.43 -7.27
N LYS D 118 12.46 21.25 -8.59
CA LYS D 118 11.81 20.12 -9.23
C LYS D 118 12.55 18.85 -8.83
N THR D 119 11.84 17.86 -8.28
CA THR D 119 12.51 16.65 -7.84
C THR D 119 11.79 15.45 -8.44
N GLU D 120 11.84 15.34 -9.76
CA GLU D 120 11.06 14.33 -10.48
C GLU D 120 11.44 12.91 -10.10
N TRP D 121 12.68 12.72 -9.64
CA TRP D 121 13.15 11.40 -9.21
CA TRP D 121 13.14 11.40 -9.23
C TRP D 121 12.46 10.91 -7.95
N LEU D 122 11.65 11.77 -7.33
CA LEU D 122 10.88 11.35 -6.15
C LEU D 122 9.47 10.89 -6.53
N ASP D 123 9.10 11.09 -7.79
CA ASP D 123 7.78 10.73 -8.25
C ASP D 123 7.56 9.22 -8.09
N GLY D 124 6.39 8.82 -7.60
CA GLY D 124 6.10 7.41 -7.41
C GLY D 124 6.67 6.85 -6.11
N LYS D 125 7.60 7.60 -5.50
CA LYS D 125 8.25 7.21 -4.24
C LYS D 125 7.64 7.86 -2.99
N HIS D 126 7.09 9.06 -3.16
CA HIS D 126 6.50 9.84 -2.08
C HIS D 126 5.17 10.42 -2.52
N VAL D 127 4.20 10.46 -1.61
CA VAL D 127 2.89 10.99 -1.97
C VAL D 127 2.85 12.53 -1.86
N VAL D 128 2.66 13.18 -3.00
CA VAL D 128 2.50 14.64 -3.05
C VAL D 128 1.08 14.99 -2.64
N PHE D 129 0.90 15.93 -1.72
CA PHE D 129 -0.45 16.20 -1.24
C PHE D 129 -0.78 17.67 -1.03
N GLY D 130 0.16 18.56 -1.35
CA GLY D 130 -0.09 19.97 -1.21
C GLY D 130 0.98 20.83 -1.84
N LYS D 131 0.80 22.16 -1.76
CA LYS D 131 1.80 23.08 -2.31
C LYS D 131 1.82 24.39 -1.53
N VAL D 132 3.01 24.98 -1.40
CA VAL D 132 3.12 26.29 -0.79
C VAL D 132 2.21 27.28 -1.55
N LYS D 133 1.43 28.05 -0.81
CA LYS D 133 0.52 29.03 -1.42
C LYS D 133 1.12 30.45 -1.28
N GLU D 134 1.42 30.85 -0.05
CA GLU D 134 2.12 32.10 0.22
C GLU D 134 3.34 31.89 1.10
N GLY D 135 4.34 32.76 0.97
CA GLY D 135 5.47 32.70 1.87
C GLY D 135 6.56 31.77 1.37
N MET D 136 6.59 31.53 0.06
CA MET D 136 7.68 30.73 -0.49
C MET D 136 9.06 31.35 -0.17
N ASN D 137 9.14 32.67 -0.04
CA ASN D 137 10.47 33.19 0.27
C ASN D 137 10.82 33.05 1.76
N ILE D 138 9.85 32.70 2.60
CA ILE D 138 10.20 32.24 3.95
C ILE D 138 10.91 30.88 3.82
N VAL D 139 10.41 30.03 2.93
CA VAL D 139 11.02 28.71 2.73
C VAL D 139 12.44 28.87 2.16
N GLU D 140 12.62 29.83 1.26
CA GLU D 140 13.93 30.07 0.68
C GLU D 140 14.88 30.61 1.73
N ALA D 141 14.37 31.41 2.65
CA ALA D 141 15.19 31.86 3.77
C ALA D 141 15.59 30.68 4.69
N MET D 142 14.65 29.76 4.95
CA MET D 142 14.91 28.57 5.77
C MET D 142 16.04 27.74 5.18
N GLU D 143 15.99 27.64 3.86
CA GLU D 143 16.89 26.85 3.05
C GLU D 143 18.35 27.25 3.32
N ARG D 144 18.59 28.52 3.63
CA ARG D 144 19.95 29.00 3.86
C ARG D 144 20.56 28.49 5.16
N PHE D 145 19.73 27.98 6.06
CA PHE D 145 20.22 27.50 7.35
C PHE D 145 20.51 26.02 7.29
N GLY D 146 20.41 25.47 6.08
CA GLY D 146 20.70 24.07 5.86
C GLY D 146 22.14 23.89 5.43
N SER D 147 22.44 22.72 4.90
CA SER D 147 23.79 22.35 4.50
C SER D 147 23.66 21.23 3.51
N ARG D 148 24.75 20.94 2.81
CA ARG D 148 24.73 19.89 1.80
C ARG D 148 24.37 18.53 2.45
N ASN D 149 24.79 18.31 3.69
CA ASN D 149 24.43 17.06 4.38
C ASN D 149 23.04 17.10 5.03
N GLY D 150 22.49 18.29 5.24
CA GLY D 150 21.14 18.42 5.76
C GLY D 150 21.04 18.92 7.19
N LYS D 151 22.16 18.98 7.89
CA LYS D 151 22.17 19.50 9.25
C LYS D 151 21.90 21.01 9.20
N THR D 152 21.16 21.53 10.17
CA THR D 152 20.82 22.94 10.16
C THR D 152 21.71 23.71 11.11
N SER D 153 22.05 24.94 10.72
CA SER D 153 22.98 25.75 11.51
C SER D 153 22.23 26.57 12.54
N LYS D 154 20.90 26.58 12.44
CA LYS D 154 20.05 27.22 13.43
C LYS D 154 18.77 26.41 13.61
N LYS D 155 18.17 26.48 14.80
CA LYS D 155 16.92 25.75 15.06
C LYS D 155 15.75 26.39 14.32
N ILE D 156 15.29 25.70 13.29
CA ILE D 156 14.17 26.15 12.48
C ILE D 156 12.89 25.47 12.98
N THR D 157 12.02 26.23 13.60
CA THR D 157 10.87 25.63 14.25
C THR D 157 9.53 26.13 13.73
N ILE D 158 8.51 25.29 13.86
CA ILE D 158 7.12 25.68 13.66
C ILE D 158 6.59 26.23 14.97
N ALA D 159 6.71 27.53 15.16
CA ALA D 159 6.34 28.17 16.43
C ALA D 159 4.84 28.06 16.66
N ASP D 160 4.09 28.16 15.58
CA ASP D 160 2.65 28.00 15.65
C ASP D 160 2.21 27.52 14.27
N CYS D 161 1.03 26.93 14.20
CA CYS D 161 0.46 26.47 12.96
C CYS D 161 -1.05 26.27 13.15
N GLY D 162 -1.78 26.21 12.05
CA GLY D 162 -3.23 26.11 12.15
C GLY D 162 -3.86 26.12 10.78
N GLN D 163 -5.18 26.19 10.77
CA GLN D 163 -5.93 26.21 9.54
C GLN D 163 -6.46 27.61 9.28
N LEU D 164 -6.36 28.08 8.03
CA LEU D 164 -6.96 29.35 7.64
C LEU D 164 -8.31 29.09 6.98
C1 7HG E . -10.09 -12.21 10.36
C2 7HG E . -11.33 -13.16 10.15
C3 7HG E . -12.50 -12.56 9.31
C4 7HG E . -13.72 -13.55 9.27
C5 7HG E . -14.76 -13.00 8.33
C6 7HG E . -13.60 -13.70 0.57
C7 7HG E . -12.31 -13.14 -0.04
C8 7HG E . -11.08 -13.58 0.75
N2 7HG E . -11.30 -13.31 2.18
N3 7HG E . -12.39 -13.92 2.80
C9 7HG E . -13.67 -13.60 2.10
C10 7HG E . -14.79 -14.42 2.72
O1 7HG E . -16.00 -13.80 2.54
O2 7HG E . -14.66 -15.48 3.30
C25 7HG E . -17.13 -14.55 3.07
C26 7HG E . -17.65 -13.89 4.37
C27 7HG E . -16.67 -14.14 5.46
C28 7HG E . -16.25 -13.28 6.38
C29 7HG E . -15.28 -13.73 7.34
C30 7HG E . -9.27 -11.96 9.08
O6 7HG E . -8.89 -10.85 8.76
C31 7HG E . -9.11 -12.77 11.39
C32 7HG E . -12.16 -12.14 7.87
O7 7HG E . -14.24 -13.74 10.60
O8 7HG E . -10.96 -14.43 9.54
C33 7HG E . -14.96 -14.96 10.77
C34 7HG E . -11.20 -15.56 10.38
N1 7HG E . -9.01 -13.10 8.32
C21 7HG E . -8.26 -13.05 7.05
C20 7HG E . -9.40 -13.33 6.07
O5 7HG E . -9.99 -14.41 5.98
C22 7HG E . -7.04 -13.97 6.86
C23 7HG E . -6.45 -13.76 5.46
C24 7HG E . -6.01 -13.67 7.95
C11 7HG E . -10.51 -12.44 2.88
C12 7HG E . -10.84 -12.18 4.36
O3 7HG E . -9.54 -11.84 2.38
C13 7HG E . -11.55 -10.84 4.61
C14 7HG E . -12.68 -10.51 3.69
C15 7HG E . -14.00 -10.91 3.98
C16 7HG E . -15.03 -10.60 3.09
C17 7HG E . -14.74 -9.90 1.90
C18 7HG E . -13.44 -9.49 1.62
C19 7HG E . -12.40 -9.81 2.52
O4 7HG E . -13.18 -8.78 0.48
N4 7HG E . -9.76 -12.27 5.29
C1 7HG F . -24.03 -8.85 -6.27
C2 7HG F . -24.35 -9.88 -5.17
C3 7HG F . -23.12 -10.43 -4.37
C4 7HG F . -23.60 -11.48 -3.34
C5 7HG F . -22.39 -11.84 -2.50
C6 7HG F . -20.57 -7.26 3.51
C7 7HG F . -20.26 -5.77 3.27
C8 7HG F . -21.33 -5.14 2.40
N2 7HG F . -21.51 -5.97 1.19
N3 7HG F . -21.93 -7.29 1.43
C9 7HG F . -20.92 -8.03 2.22
C10 7HG F . -21.48 -9.39 2.61
O1 7HG F . -20.47 -10.29 2.86
O2 7HG F . -22.65 -9.67 2.69
C25 7HG F . -20.90 -11.62 3.24
C26 7HG F . -20.70 -12.65 2.13
C27 7HG F . -21.66 -12.35 1.03
C28 7HG F . -21.39 -12.28 -0.27
C29 7HG F . -22.48 -11.95 -1.17
C30 7HG F . -23.60 -7.46 -5.74
O6 7HG F . -22.70 -6.82 -6.24
C31 7HG F . -25.25 -8.57 -7.16
C32 7HG F . -22.23 -9.40 -3.63
O7 7HG F . -24.09 -12.61 -4.05
O8 7HG F . -25.29 -9.32 -4.25
C33 7HG F . -24.92 -13.45 -3.25
C34 7HG F . -26.56 -9.99 -4.18
N1 7HG F . -24.33 -7.02 -4.63
C21 7HG F . -24.05 -5.73 -3.96
C20 7HG F . -23.49 -6.15 -2.61
O5 7HG F . -24.16 -6.68 -1.71
C22 7HG F . -25.19 -4.71 -3.90
C23 7HG F . -24.65 -3.42 -3.23
C24 7HG F . -25.65 -4.43 -5.34
C11 7HG F . -21.23 -5.47 -0.07
C12 7HG F . -21.37 -6.38 -1.30
O3 7HG F . -20.83 -4.33 -0.30
C13 7HG F . -20.02 -6.87 -1.87
C14 7HG F . -19.17 -7.61 -0.87
C15 7HG F . -19.28 -9.01 -0.76
C16 7HG F . -18.51 -9.71 0.18
C17 7HG F . -17.64 -8.99 0.99
C18 7HG F . -17.53 -7.61 0.88
C19 7HG F . -18.29 -6.91 -0.05
O4 7HG F . -16.66 -6.96 1.70
N4 7HG F . -22.17 -5.96 -2.44
C1 7HG G . 19.28 13.85 -11.31
C2 7HG G . 20.23 14.24 -10.15
C3 7HG G . 19.58 14.19 -8.72
C4 7HG G . 20.56 14.75 -7.63
C5 7HG G . 19.96 14.51 -6.26
C6 7HG G . 20.77 7.16 -3.38
C7 7HG G . 20.10 6.02 -4.14
C8 7HG G . 20.46 6.08 -5.62
N2 7HG G . 20.21 7.44 -6.11
N3 7HG G . 20.87 8.49 -5.47
C9 7HG G . 20.52 8.53 -4.03
C10 7HG G . 21.33 9.61 -3.34
O1 7HG G . 20.70 10.09 -2.22
O2 7HG G . 22.44 10.00 -3.70
C25 7HG G . 21.42 11.10 -1.48
C26 7HG G . 20.88 12.51 -1.73
C27 7HG G . 21.13 12.92 -3.15
C28 7HG G . 20.28 13.56 -3.97
C29 7HG G . 20.67 13.88 -5.31
C30 7HG G . 18.97 12.35 -11.42
O6 7HG G . 17.84 11.93 -11.68
C31 7HG G . 19.85 14.28 -12.67
C32 7HG G . 19.07 12.81 -8.25
O7 7HG G . 20.75 16.15 -7.87
O8 7HG G . 21.43 13.44 -10.22
C33 7HG G . 21.95 16.66 -7.26
C34 7HG G . 22.66 14.16 -10.22
N1 7HG G . 20.06 11.51 -11.21
C21 7HG G . 20.01 10.03 -11.23
C20 7HG G . 20.24 9.74 -9.75
O5 7HG G . 21.29 9.93 -9.13
C22 7HG G . 20.89 9.30 -12.25
C23 7HG G . 20.64 7.79 -12.18
C24 7HG G . 20.45 9.76 -13.64
C11 7HG G . 19.33 7.65 -7.15
C12 7HG G . 19.03 9.07 -7.67
O3 7HG G . 18.74 6.72 -7.71
C13 7HG G . 17.68 9.67 -7.23
C14 7HG G . 17.40 9.54 -5.77
C15 7HG G . 17.77 10.56 -4.90
C16 7HG G . 17.52 10.43 -3.53
C17 7HG G . 16.91 9.26 -3.07
C18 7HG G . 16.53 8.24 -3.95
C19 7HG G . 16.78 8.38 -5.31
O4 7HG G . 15.91 7.11 -3.45
N4 7HG G . 19.14 9.30 -9.09
C1 7HG H . 15.44 6.42 9.03
C2 7HG H . 16.51 7.49 8.75
C3 7HG H . 17.05 7.48 7.28
C4 7HG H . 18.19 8.54 7.16
C5 7HG H . 18.59 8.64 5.71
C6 7HG H . 14.16 13.28 1.10
C7 7HG H . 12.69 12.92 0.92
C8 7HG H . 12.02 12.65 2.26
N2 7HG H . 12.85 11.71 3.05
N3 7HG H . 14.18 12.06 3.30
C9 7HG H . 14.90 12.29 2.03
C10 7HG H . 16.27 12.83 2.36
O1 7HG H . 17.14 12.48 1.36
O2 7HG H . 16.57 13.49 3.36
C25 7HG H . 18.50 12.97 1.55
C26 7HG H . 19.43 11.79 1.93
C27 7HG H . 19.08 11.37 3.32
C28 7HG H . 19.02 10.11 3.76
C29 7HG H . 18.68 9.85 5.13
C30 7HG H . 14.09 6.73 8.38
O6 7HG H . 13.48 5.87 7.78
C31 7HG H . 15.15 6.25 10.53
C32 7HG H . 16.05 7.71 6.14
O7 7HG H . 19.28 8.13 8.01
O8 7HG H . 16.05 8.82 9.09
C33 7HG H . 20.21 9.16 8.31
C34 7HG H . 16.73 9.41 10.21
N1 7HG H . 13.66 8.07 8.52
C21 7HG H . 12.39 8.57 7.92
C20 7HG H . 12.94 9.46 6.81
O5 7HG H . 13.54 10.53 6.99
C22 7HG H . 11.35 9.23 8.83
C23 7HG H . 10.12 9.61 8.00
C24 7HG H . 10.90 8.24 9.91
C11 7HG H . 12.33 10.50 3.51
C12 7HG H . 13.24 9.56 4.31
O3 7HG H . 11.17 10.12 3.31
C13 7HG H . 13.81 8.38 3.48
C14 7HG H . 14.41 8.71 2.16
C15 7HG H . 15.77 9.02 2.06
C16 7HG H . 16.31 9.33 0.80
C17 7HG H . 15.48 9.34 -0.31
C18 7HG H . 14.13 9.03 -0.21
C19 7HG H . 13.58 8.72 1.03
O4 7HG H . 13.33 9.01 -1.34
N4 7HG H . 12.78 8.99 5.55
#